data_5WQI
#
_entry.id   5WQI
#
_cell.length_a   99.520
_cell.length_b   47.530
_cell.length_c   121.210
_cell.angle_alpha   90.00
_cell.angle_beta   108.09
_cell.angle_gamma   90.00
#
_symmetry.space_group_name_H-M   'P 1 21 1'
#
loop_
_entity.id
_entity.type
_entity.pdbx_description
1 polymer 'Isomerase trt14'
2 non-polymer 'CALCIUM ION'
3 non-polymer '(1R,2S,4aS,4bS,8aS,10S,10aS)-2-[(2S)-3-methoxy-2-methyl-2-oxidanyl-3-oxidanylidene-propanoyl]-2,3,4b,8,8,10a-hexamethyl-10-oxidanyl-7,9-bis(oxidanylidene)-1,4a,5,6,8a,10-hexahydrophenanthrene-1-carboxylic acid'
4 water water
#
_entity_poly.entity_id   1
_entity_poly.type   'polypeptide(L)'
_entity_poly.pdbx_seq_one_letter_code
;MGSSHHHHHHSSGLVPRGSHMSPTREDLVATAKLFIAKYNEFTPESIISVRTPNSVSHRLFPTRNATRNIGESMEACANA
KEVFKSLTVSVIDDNDTIVDERTRKVVFYLASRGDTIVGEWKSECIFIFQMSEDGKLVDRIWAGFDTAYMDEFESRLDGI
TF
;
_entity_poly.pdbx_strand_id   A,B,C,D,E,F
#
loop_
_chem_comp.id
_chem_comp.type
_chem_comp.name
_chem_comp.formula
7X0 non-polymer '(1R,2S,4aS,4bS,8aS,10S,10aS)-2-[(2S)-3-methoxy-2-methyl-2-oxidanyl-3-oxidanylidene-propanoyl]-2,3,4b,8,8,10a-hexamethyl-10-oxidanyl-7,9-bis(oxidanylidene)-1,4a,5,6,8a,10-hexahydrophenanthrene-1-carboxylic acid' 'C26 H36 O9'
CA non-polymer 'CALCIUM ION' 'Ca 2'
#
# COMPACT_ATOMS: atom_id res chain seq x y z
N PRO A 23 -16.64 -8.97 -8.48
CA PRO A 23 -15.19 -8.82 -8.25
C PRO A 23 -14.81 -7.41 -7.79
N THR A 24 -13.93 -7.35 -6.78
CA THR A 24 -13.46 -6.10 -6.23
C THR A 24 -12.48 -5.43 -7.20
N ARG A 25 -12.16 -4.16 -6.89
CA ARG A 25 -11.11 -3.47 -7.63
C ARG A 25 -9.81 -4.26 -7.61
N GLU A 26 -9.44 -4.79 -6.45
CA GLU A 26 -8.21 -5.56 -6.32
C GLU A 26 -8.27 -6.88 -7.10
N ASP A 27 -9.44 -7.52 -7.12
CA ASP A 27 -9.60 -8.72 -7.93
C ASP A 27 -9.32 -8.44 -9.40
N LEU A 28 -9.91 -7.37 -9.94
CA LEU A 28 -9.75 -7.06 -11.37
C LEU A 28 -8.29 -6.78 -11.71
N VAL A 29 -7.60 -5.99 -10.87
CA VAL A 29 -6.20 -5.69 -11.12
C VAL A 29 -5.35 -6.95 -11.05
N ALA A 30 -5.67 -7.85 -10.11
CA ALA A 30 -4.87 -9.08 -9.97
C ALA A 30 -4.95 -9.92 -11.22
N THR A 31 -6.15 -10.03 -11.82
CA THR A 31 -6.25 -10.77 -13.08
C THR A 31 -5.44 -10.10 -14.19
N ALA A 32 -5.52 -8.78 -14.29
CA ALA A 32 -4.75 -8.07 -15.30
C ALA A 32 -3.25 -8.27 -15.08
N LYS A 33 -2.81 -8.26 -13.80
CA LYS A 33 -1.40 -8.51 -13.51
C LYS A 33 -1.00 -9.95 -13.82
N LEU A 34 -1.90 -10.91 -13.59
CA LEU A 34 -1.60 -12.29 -13.99
C LEU A 34 -1.50 -12.42 -15.50
N PHE A 35 -2.40 -11.75 -16.22
CA PHE A 35 -2.28 -11.71 -17.67
C PHE A 35 -0.89 -11.25 -18.10
N ILE A 36 -0.41 -10.15 -17.51
CA ILE A 36 0.92 -9.62 -17.82
C ILE A 36 2.01 -10.62 -17.46
N ALA A 37 1.90 -11.25 -16.28
CA ALA A 37 2.89 -12.27 -15.91
C ALA A 37 3.01 -13.35 -16.99
N LYS A 38 1.87 -13.87 -17.43
CA LYS A 38 1.91 -14.95 -18.41
C LYS A 38 2.30 -14.44 -19.79
N TYR A 39 1.88 -13.22 -20.12
CA TYR A 39 2.30 -12.58 -21.36
C TYR A 39 3.82 -12.54 -21.48
N ASN A 40 4.50 -12.26 -20.36
CA ASN A 40 5.96 -12.15 -20.36
C ASN A 40 6.67 -13.49 -20.46
N GLU A 41 5.94 -14.60 -20.25
CA GLU A 41 6.50 -15.90 -20.64
C GLU A 41 6.53 -16.05 -22.16
N PHE A 42 5.69 -15.32 -22.87
CA PHE A 42 5.70 -15.18 -24.32
C PHE A 42 5.79 -16.51 -25.06
N THR A 43 4.83 -17.38 -24.78
CA THR A 43 4.63 -18.61 -25.52
C THR A 43 3.16 -18.65 -25.95
N PRO A 44 2.83 -19.36 -27.04
CA PRO A 44 1.41 -19.42 -27.41
C PRO A 44 0.55 -19.94 -26.28
N GLU A 45 1.08 -20.89 -25.49
CA GLU A 45 0.31 -21.41 -24.36
C GLU A 45 0.12 -20.33 -23.30
N SER A 46 1.14 -19.51 -23.06
CA SER A 46 1.06 -18.57 -21.94
C SER A 46 0.21 -17.35 -22.28
N ILE A 47 0.22 -16.90 -23.53
CA ILE A 47 -0.55 -15.68 -23.86
C ILE A 47 -2.04 -15.94 -23.94
N ILE A 48 -2.48 -17.21 -23.97
CA ILE A 48 -3.91 -17.53 -23.90
C ILE A 48 -4.34 -17.93 -22.49
N SER A 49 -3.41 -18.08 -21.55
CA SER A 49 -3.72 -18.81 -20.33
C SER A 49 -4.56 -17.99 -19.34
N VAL A 50 -4.76 -16.70 -19.58
CA VAL A 50 -5.58 -15.85 -18.73
C VAL A 50 -6.74 -15.24 -19.51
N ARG A 51 -7.12 -15.87 -20.61
CA ARG A 51 -8.17 -15.37 -21.47
C ARG A 51 -9.32 -16.37 -21.54
N THR A 52 -10.55 -15.84 -21.68
CA THR A 52 -11.66 -16.72 -22.00
C THR A 52 -11.50 -17.27 -23.41
N PRO A 53 -12.03 -18.45 -23.70
CA PRO A 53 -11.80 -19.03 -25.04
C PRO A 53 -12.47 -18.28 -26.16
N ASN A 54 -13.57 -17.57 -25.90
CA ASN A 54 -14.19 -16.75 -26.95
C ASN A 54 -13.69 -15.31 -26.94
N SER A 55 -12.64 -15.02 -26.19
CA SER A 55 -12.15 -13.64 -26.08
C SER A 55 -11.54 -13.17 -27.39
N VAL A 56 -11.64 -11.87 -27.63
CA VAL A 56 -11.00 -11.28 -28.80
C VAL A 56 -10.08 -10.16 -28.34
N SER A 57 -9.02 -9.96 -29.10
CA SER A 57 -7.99 -8.98 -28.81
C SER A 57 -8.00 -7.94 -29.92
N HIS A 58 -8.35 -6.71 -29.56
CA HIS A 58 -8.48 -5.62 -30.51
C HIS A 58 -7.22 -4.75 -30.50
N ARG A 59 -6.81 -4.29 -31.66
CA ARG A 59 -5.73 -3.33 -31.78
C ARG A 59 -6.34 -1.99 -32.19
N LEU A 60 -6.15 -0.97 -31.37
CA LEU A 60 -6.72 0.36 -31.60
C LEU A 60 -5.97 1.07 -32.72
N PHE A 61 -6.60 2.13 -33.24
CA PHE A 61 -6.10 3.07 -34.24
C PHE A 61 -6.26 2.51 -35.66
N PRO A 62 -6.82 3.32 -36.57
CA PRO A 62 -7.12 2.82 -37.93
C PRO A 62 -5.92 2.23 -38.66
N THR A 63 -4.70 2.79 -38.51
CA THR A 63 -3.59 2.31 -39.32
C THR A 63 -3.11 0.93 -38.89
N ARG A 64 -3.47 0.49 -37.68
CA ARG A 64 -3.04 -0.82 -37.19
C ARG A 64 -4.21 -1.66 -36.69
N ASN A 65 -5.44 -1.26 -37.02
CA ASN A 65 -6.64 -1.92 -36.49
C ASN A 65 -6.65 -3.40 -36.85
N ALA A 66 -6.97 -4.23 -35.87
CA ALA A 66 -7.01 -5.67 -36.07
C ALA A 66 -7.78 -6.29 -34.92
N THR A 67 -8.22 -7.53 -35.13
CA THR A 67 -8.99 -8.28 -34.13
C THR A 67 -8.57 -9.74 -34.25
N ARG A 68 -8.24 -10.37 -33.12
CA ARG A 68 -7.69 -11.71 -33.12
C ARG A 68 -8.40 -12.54 -32.08
N ASN A 69 -8.90 -13.70 -32.47
CA ASN A 69 -9.40 -14.65 -31.49
C ASN A 69 -8.22 -15.41 -30.90
N ILE A 70 -8.53 -16.39 -30.05
CA ILE A 70 -7.49 -17.14 -29.35
C ILE A 70 -6.55 -17.82 -30.35
N GLY A 71 -7.13 -18.50 -31.34
CA GLY A 71 -6.31 -19.18 -32.34
C GLY A 71 -5.43 -18.23 -33.13
N GLU A 72 -5.98 -17.09 -33.54
CA GLU A 72 -5.18 -16.10 -34.25
C GLU A 72 -4.12 -15.48 -33.34
N SER A 73 -4.42 -15.38 -32.04
CA SER A 73 -3.45 -14.86 -31.07
C SER A 73 -2.26 -15.79 -30.92
N MET A 74 -2.51 -17.10 -30.80
CA MET A 74 -1.41 -18.07 -30.72
C MET A 74 -0.58 -18.04 -31.99
N GLU A 75 -1.23 -17.94 -33.14
CA GLU A 75 -0.53 -17.84 -34.41
C GLU A 75 0.33 -16.58 -34.46
N ALA A 76 -0.23 -15.44 -34.03
CA ALA A 76 0.53 -14.19 -34.00
C ALA A 76 1.72 -14.30 -33.07
N CYS A 77 1.53 -14.91 -31.90
CA CYS A 77 2.63 -15.08 -30.96
C CYS A 77 3.75 -15.92 -31.59
N ALA A 78 3.40 -17.03 -32.23
CA ALA A 78 4.44 -17.86 -32.84
C ALA A 78 5.17 -17.10 -33.93
N ASN A 79 4.44 -16.29 -34.71
CA ASN A 79 5.09 -15.49 -35.75
C ASN A 79 5.99 -14.41 -35.16
N ALA A 80 5.53 -13.76 -34.09
CA ALA A 80 6.38 -12.78 -33.39
C ALA A 80 7.65 -13.43 -32.85
N LYS A 81 7.55 -14.68 -32.36
CA LYS A 81 8.71 -15.37 -31.83
C LYS A 81 9.75 -15.66 -32.91
N GLU A 82 9.36 -15.68 -34.19
CA GLU A 82 10.36 -15.77 -35.25
C GLU A 82 11.20 -14.51 -35.34
N VAL A 83 10.70 -13.37 -34.84
CA VAL A 83 11.40 -12.10 -34.98
C VAL A 83 11.99 -11.64 -33.66
N PHE A 84 11.25 -11.82 -32.56
CA PHE A 84 11.66 -11.36 -31.24
C PHE A 84 12.45 -12.45 -30.53
N LYS A 85 13.71 -12.15 -30.19
CA LYS A 85 14.46 -13.06 -29.34
C LYS A 85 13.93 -13.05 -27.92
N SER A 86 13.41 -11.90 -27.47
CA SER A 86 12.85 -11.78 -26.14
C SER A 86 11.92 -10.58 -26.17
N LEU A 87 10.96 -10.58 -25.24
CA LEU A 87 10.00 -9.50 -25.15
C LEU A 87 9.41 -9.48 -23.75
N THR A 88 9.45 -8.30 -23.11
CA THR A 88 8.86 -8.13 -21.80
C THR A 88 8.08 -6.82 -21.79
N VAL A 89 6.93 -6.84 -21.13
CA VAL A 89 6.14 -5.64 -20.89
C VAL A 89 6.06 -5.43 -19.38
N SER A 90 5.92 -4.18 -18.99
CA SER A 90 5.79 -3.93 -17.56
C SER A 90 4.91 -2.71 -17.33
N VAL A 91 4.00 -2.82 -16.35
CA VAL A 91 3.24 -1.66 -15.92
C VAL A 91 4.21 -0.67 -15.31
N ILE A 92 4.21 0.55 -15.82
CA ILE A 92 5.23 1.52 -15.45
C ILE A 92 4.99 2.04 -14.04
N ASP A 93 3.72 2.30 -13.69
CA ASP A 93 3.42 2.95 -12.43
C ASP A 93 1.99 2.56 -12.06
N ASP A 94 1.82 1.81 -10.97
CA ASP A 94 0.47 1.43 -10.57
C ASP A 94 -0.42 2.65 -10.31
N ASN A 95 0.17 3.84 -10.09
CA ASN A 95 -0.68 5.02 -9.94
C ASN A 95 -1.39 5.39 -11.24
N ASP A 96 -0.87 4.98 -12.40
CA ASP A 96 -1.51 5.23 -13.69
C ASP A 96 -2.74 4.35 -13.91
N THR A 97 -2.86 3.24 -13.19
CA THR A 97 -3.84 2.21 -13.52
C THR A 97 -5.26 2.74 -13.28
N ILE A 98 -6.16 2.42 -14.21
CA ILE A 98 -7.56 2.84 -14.16
C ILE A 98 -8.41 1.61 -14.00
N VAL A 99 -9.38 1.64 -13.08
CA VAL A 99 -10.21 0.46 -12.83
C VAL A 99 -11.68 0.88 -12.76
N ASP A 100 -12.52 0.21 -13.55
CA ASP A 100 -13.96 0.47 -13.61
C ASP A 100 -14.66 -0.79 -13.11
N GLU A 101 -15.05 -0.79 -11.83
CA GLU A 101 -15.67 -1.98 -11.26
C GLU A 101 -16.98 -2.34 -11.94
N ARG A 102 -17.67 -1.35 -12.50
CA ARG A 102 -18.98 -1.61 -13.07
C ARG A 102 -18.90 -2.32 -14.41
N THR A 103 -17.94 -1.93 -15.25
CA THR A 103 -17.74 -2.62 -16.51
C THR A 103 -16.62 -3.66 -16.44
N ARG A 104 -16.03 -3.87 -15.26
CA ARG A 104 -14.97 -4.85 -15.04
C ARG A 104 -13.75 -4.58 -15.94
N LYS A 105 -13.38 -3.31 -16.05
CA LYS A 105 -12.29 -2.93 -16.93
C LYS A 105 -11.11 -2.39 -16.14
N VAL A 106 -9.92 -2.68 -16.67
CA VAL A 106 -8.65 -2.22 -16.10
C VAL A 106 -7.86 -1.64 -17.26
N VAL A 107 -7.18 -0.52 -17.03
CA VAL A 107 -6.30 0.09 -18.03
C VAL A 107 -4.88 0.14 -17.46
N PHE A 108 -3.93 -0.45 -18.17
CA PHE A 108 -2.51 -0.33 -17.86
C PHE A 108 -1.80 0.53 -18.91
N TYR A 109 -0.81 1.30 -18.47
CA TYR A 109 0.15 1.91 -19.39
C TYR A 109 1.50 1.22 -19.18
N LEU A 110 2.04 0.65 -20.26
CA LEU A 110 3.13 -0.32 -20.16
C LEU A 110 4.33 0.11 -20.97
N ALA A 111 5.51 -0.28 -20.47
CA ALA A 111 6.74 -0.26 -21.22
C ALA A 111 6.93 -1.63 -21.87
N SER A 112 7.33 -1.64 -23.13
CA SER A 112 7.65 -2.89 -23.82
C SER A 112 9.09 -2.84 -24.28
N ARG A 113 9.81 -3.95 -24.11
CA ARG A 113 11.24 -3.99 -24.34
C ARG A 113 11.62 -5.37 -24.88
N GLY A 114 12.46 -5.40 -25.91
CA GLY A 114 12.85 -6.70 -26.44
C GLY A 114 14.05 -6.57 -27.36
N ASP A 115 14.59 -7.74 -27.72
CA ASP A 115 15.61 -7.81 -28.77
C ASP A 115 15.08 -8.65 -29.92
N THR A 116 15.38 -8.23 -31.14
CA THR A 116 14.83 -8.83 -32.35
C THR A 116 15.93 -9.04 -33.37
N ILE A 117 15.59 -9.74 -34.45
CA ILE A 117 16.55 -9.95 -35.53
C ILE A 117 16.84 -8.68 -36.31
N VAL A 118 16.10 -7.60 -36.07
CA VAL A 118 16.42 -6.34 -36.73
C VAL A 118 16.70 -5.25 -35.69
N GLY A 119 17.19 -5.65 -34.53
CA GLY A 119 17.60 -4.69 -33.51
C GLY A 119 16.63 -4.57 -32.35
N GLU A 120 16.92 -3.60 -31.49
CA GLU A 120 16.20 -3.46 -30.23
C GLU A 120 14.75 -3.01 -30.47
N TRP A 121 13.84 -3.53 -29.65
CA TRP A 121 12.48 -3.04 -29.55
C TRP A 121 12.33 -2.29 -28.23
N LYS A 122 11.86 -1.05 -28.30
CA LYS A 122 11.62 -0.24 -27.12
C LYS A 122 10.45 0.69 -27.40
N SER A 123 9.37 0.54 -26.65
CA SER A 123 8.17 1.32 -26.92
C SER A 123 7.31 1.34 -25.66
N GLU A 124 6.14 1.96 -25.78
CA GLU A 124 5.14 1.97 -24.71
C GLU A 124 3.79 1.74 -25.34
N CYS A 125 2.85 1.22 -24.54
CA CYS A 125 1.53 0.91 -25.06
C CYS A 125 0.50 0.98 -23.94
N ILE A 126 -0.76 1.09 -24.33
CA ILE A 126 -1.88 1.10 -23.40
C ILE A 126 -2.68 -0.16 -23.66
N PHE A 127 -2.92 -0.94 -22.59
CA PHE A 127 -3.76 -2.13 -22.65
C PHE A 127 -5.01 -1.87 -21.84
N ILE A 128 -6.17 -2.17 -22.43
CA ILE A 128 -7.44 -2.15 -21.73
C ILE A 128 -7.93 -3.59 -21.65
N PHE A 129 -8.31 -4.02 -20.46
CA PHE A 129 -8.84 -5.36 -20.24
C PHE A 129 -10.29 -5.25 -19.78
N GLN A 130 -11.15 -6.09 -20.32
CA GLN A 130 -12.45 -6.32 -19.72
C GLN A 130 -12.50 -7.74 -19.20
N MET A 131 -12.77 -7.89 -17.92
CA MET A 131 -12.69 -9.19 -17.28
C MET A 131 -14.01 -9.95 -17.44
N SER A 132 -13.94 -11.26 -17.25
CA SER A 132 -15.14 -12.08 -17.17
C SER A 132 -16.02 -11.64 -16.00
N GLU A 133 -17.25 -12.17 -15.99
CA GLU A 133 -18.17 -11.82 -14.92
C GLU A 133 -17.60 -12.17 -13.55
N ASP A 134 -16.91 -13.30 -13.43
CA ASP A 134 -16.32 -13.66 -12.14
C ASP A 134 -15.01 -12.93 -11.87
N GLY A 135 -14.56 -12.07 -12.78
CA GLY A 135 -13.36 -11.29 -12.59
C GLY A 135 -12.05 -12.04 -12.75
N LYS A 136 -12.08 -13.36 -12.96
CA LYS A 136 -10.85 -14.16 -12.94
C LYS A 136 -10.15 -14.28 -14.29
N LEU A 137 -10.78 -13.85 -15.39
CA LEU A 137 -10.19 -14.02 -16.70
C LEU A 137 -10.42 -12.77 -17.55
N VAL A 138 -9.56 -12.60 -18.55
CA VAL A 138 -9.68 -11.51 -19.52
C VAL A 138 -10.63 -11.94 -20.63
N ASP A 139 -11.73 -11.22 -20.78
CA ASP A 139 -12.73 -11.54 -21.78
C ASP A 139 -12.60 -10.73 -23.07
N ARG A 140 -11.95 -9.57 -22.99
CA ARG A 140 -11.72 -8.75 -24.17
C ARG A 140 -10.50 -7.87 -23.89
N ILE A 141 -9.68 -7.65 -24.92
CA ILE A 141 -8.50 -6.79 -24.83
C ILE A 141 -8.55 -5.74 -25.94
N TRP A 142 -8.18 -4.51 -25.59
CA TRP A 142 -7.87 -3.48 -26.57
C TRP A 142 -6.45 -2.99 -26.32
N ALA A 143 -5.66 -2.85 -27.39
CA ALA A 143 -4.25 -2.47 -27.24
C ALA A 143 -3.96 -1.28 -28.13
N GLY A 144 -3.43 -0.23 -27.54
CA GLY A 144 -3.04 0.94 -28.30
C GLY A 144 -1.53 0.99 -28.35
N PHE A 145 -0.97 0.82 -29.55
CA PHE A 145 0.47 0.90 -29.75
C PHE A 145 0.85 2.23 -30.40
N ASP A 146 2.15 2.52 -30.33
CA ASP A 146 2.81 3.62 -31.03
C ASP A 146 2.92 3.20 -32.50
N THR A 147 1.98 3.67 -33.33
CA THR A 147 1.88 3.10 -34.67
C THR A 147 3.03 3.56 -35.56
N ALA A 148 3.53 4.79 -35.35
CA ALA A 148 4.72 5.21 -36.08
C ALA A 148 5.91 4.32 -35.74
N TYR A 149 6.04 3.94 -34.46
CA TYR A 149 7.11 3.05 -34.08
C TYR A 149 6.94 1.68 -34.74
N MET A 150 5.70 1.16 -34.77
CA MET A 150 5.45 -0.10 -35.45
C MET A 150 5.80 -0.01 -36.93
N ASP A 151 5.45 1.10 -37.58
CA ASP A 151 5.81 1.27 -38.99
C ASP A 151 7.32 1.27 -39.18
N GLU A 152 8.06 1.95 -38.30
CA GLU A 152 9.50 1.94 -38.42
C GLU A 152 10.05 0.53 -38.24
N PHE A 153 9.52 -0.20 -37.26
CA PHE A 153 9.97 -1.57 -37.03
C PHE A 153 9.69 -2.46 -38.23
N GLU A 154 8.49 -2.33 -38.82
CA GLU A 154 8.13 -3.10 -40.00
C GLU A 154 9.03 -2.76 -41.19
N SER A 155 9.39 -1.49 -41.34
CA SER A 155 10.31 -1.13 -42.43
C SER A 155 11.66 -1.80 -42.24
N ARG A 156 12.10 -1.98 -40.99
CA ARG A 156 13.30 -2.76 -40.73
C ARG A 156 13.11 -4.22 -41.14
N LEU A 157 11.96 -4.81 -40.79
CA LEU A 157 11.65 -6.17 -41.24
C LEU A 157 11.57 -6.26 -42.75
N ASP A 158 10.84 -5.32 -43.37
CA ASP A 158 10.64 -5.31 -44.82
C ASP A 158 11.94 -5.07 -45.59
N GLY A 159 13.01 -4.66 -44.91
CA GLY A 159 14.30 -4.45 -45.52
C GLY A 159 15.30 -5.55 -45.31
N ILE A 160 14.87 -6.71 -44.80
CA ILE A 160 15.79 -7.83 -44.63
C ILE A 160 16.38 -8.23 -45.97
N THR A 161 17.71 -8.37 -46.02
CA THR A 161 18.45 -8.87 -47.17
C THR A 161 19.60 -9.71 -46.65
N PHE A 162 20.05 -10.67 -47.45
CA PHE A 162 21.04 -11.62 -46.93
C PHE A 162 22.47 -11.18 -47.23
N PRO B 23 4.34 8.26 1.53
CA PRO B 23 4.20 7.57 0.25
C PRO B 23 3.25 6.37 0.34
N THR B 24 2.41 6.21 -0.69
CA THR B 24 1.47 5.11 -0.71
C THR B 24 2.16 3.82 -1.14
N ARG B 25 1.40 2.73 -1.08
CA ARG B 25 1.84 1.45 -1.62
C ARG B 25 2.25 1.60 -3.07
N GLU B 26 1.40 2.25 -3.87
CA GLU B 26 1.67 2.45 -5.29
C GLU B 26 2.93 3.29 -5.50
N ASP B 27 3.13 4.31 -4.66
CA ASP B 27 4.30 5.17 -4.78
C ASP B 27 5.57 4.36 -4.55
N LEU B 28 5.58 3.55 -3.48
CA LEU B 28 6.75 2.74 -3.16
C LEU B 28 7.06 1.76 -4.29
N VAL B 29 6.04 1.09 -4.81
CA VAL B 29 6.29 0.14 -5.89
C VAL B 29 6.73 0.88 -7.15
N ALA B 30 6.22 2.10 -7.38
CA ALA B 30 6.62 2.83 -8.58
C ALA B 30 8.11 3.13 -8.55
N THR B 31 8.63 3.48 -7.38
CA THR B 31 10.07 3.70 -7.26
C THR B 31 10.84 2.41 -7.51
N ALA B 32 10.39 1.30 -6.95
CA ALA B 32 11.06 0.02 -7.20
C ALA B 32 11.01 -0.34 -8.68
N LYS B 33 9.86 -0.10 -9.32
CA LYS B 33 9.75 -0.34 -10.75
C LYS B 33 10.74 0.52 -11.54
N LEU B 34 10.84 1.80 -11.20
CA LEU B 34 11.76 2.69 -11.90
C LEU B 34 13.21 2.23 -11.73
N PHE B 35 13.56 1.81 -10.52
CA PHE B 35 14.90 1.27 -10.28
C PHE B 35 15.20 0.14 -11.25
N ILE B 36 14.26 -0.79 -11.40
CA ILE B 36 14.45 -1.93 -12.29
C ILE B 36 14.55 -1.48 -13.74
N ALA B 37 13.67 -0.57 -14.17
CA ALA B 37 13.73 -0.09 -15.55
C ALA B 37 15.09 0.53 -15.86
N LYS B 38 15.62 1.34 -14.93
CA LYS B 38 16.94 1.95 -15.13
C LYS B 38 18.05 0.91 -14.98
N TYR B 39 17.89 0.00 -14.02
CA TYR B 39 18.82 -1.12 -13.87
C TYR B 39 19.05 -1.82 -15.21
N ASN B 40 17.96 -2.05 -15.95
CA ASN B 40 18.04 -2.77 -17.22
C ASN B 40 18.78 -1.98 -18.29
N GLU B 41 18.78 -0.64 -18.20
CA GLU B 41 19.64 0.15 -19.09
C GLU B 41 21.12 -0.17 -18.87
N PHE B 42 21.49 -0.55 -17.64
CA PHE B 42 22.78 -1.21 -17.36
C PHE B 42 23.99 -0.36 -17.74
N THR B 43 23.95 0.92 -17.37
CA THR B 43 25.12 1.79 -17.39
C THR B 43 25.42 2.29 -15.98
N PRO B 44 26.67 2.68 -15.70
CA PRO B 44 26.97 3.25 -14.39
C PRO B 44 26.03 4.38 -14.00
N GLU B 45 25.63 5.22 -14.95
CA GLU B 45 24.73 6.33 -14.63
C GLU B 45 23.32 5.82 -14.32
N SER B 46 22.85 4.84 -15.08
CA SER B 46 21.47 4.41 -14.92
C SER B 46 21.28 3.62 -13.62
N ILE B 47 22.28 2.83 -13.22
CA ILE B 47 22.07 1.97 -12.06
C ILE B 47 22.18 2.73 -10.75
N ILE B 48 22.63 3.99 -10.77
CA ILE B 48 22.61 4.83 -9.58
C ILE B 48 21.46 5.82 -9.61
N SER B 49 20.71 5.90 -10.71
CA SER B 49 19.83 7.04 -10.94
C SER B 49 18.60 7.04 -10.03
N VAL B 50 18.31 5.92 -9.36
CA VAL B 50 17.16 5.85 -8.47
C VAL B 50 17.59 5.51 -7.04
N ARG B 51 18.85 5.78 -6.71
CA ARG B 51 19.39 5.49 -5.39
C ARG B 51 19.83 6.77 -4.68
N THR B 52 19.65 6.80 -3.36
CA THR B 52 20.21 7.87 -2.56
C THR B 52 21.74 7.78 -2.56
N PRO B 53 22.43 8.91 -2.40
CA PRO B 53 23.90 8.88 -2.61
C PRO B 53 24.64 8.10 -1.54
N ASN B 54 24.09 7.95 -0.34
CA ASN B 54 24.70 7.14 0.71
C ASN B 54 24.11 5.74 0.78
N SER B 55 23.24 5.38 -0.16
CA SER B 55 22.64 4.06 -0.20
C SER B 55 23.70 2.97 -0.31
N VAL B 56 23.41 1.83 0.31
CA VAL B 56 24.28 0.67 0.24
C VAL B 56 23.48 -0.49 -0.35
N SER B 57 24.15 -1.29 -1.17
CA SER B 57 23.60 -2.52 -1.72
C SER B 57 24.23 -3.71 -0.99
N HIS B 58 23.40 -4.58 -0.45
CA HIS B 58 23.82 -5.76 0.30
C HIS B 58 23.44 -7.04 -0.44
N ARG B 59 24.02 -8.15 -0.01
CA ARG B 59 23.60 -9.46 -0.46
C ARG B 59 23.06 -10.25 0.72
N LEU B 60 22.05 -11.06 0.46
CA LEU B 60 21.68 -12.07 1.42
C LEU B 60 22.64 -13.25 1.25
N PHE B 61 22.60 -14.17 2.22
CA PHE B 61 23.40 -15.41 2.16
C PHE B 61 24.90 -15.15 2.33
N PRO B 62 25.56 -15.92 3.19
CA PRO B 62 27.01 -15.73 3.38
C PRO B 62 27.86 -15.99 2.13
N THR B 63 27.49 -16.95 1.28
CA THR B 63 28.46 -17.56 0.36
C THR B 63 29.20 -16.53 -0.49
N ARG B 64 28.47 -15.68 -1.20
CA ARG B 64 29.12 -14.68 -2.04
C ARG B 64 28.75 -13.27 -1.58
N ASN B 65 28.72 -13.07 -0.26
CA ASN B 65 28.26 -11.81 0.30
C ASN B 65 29.14 -10.65 -0.14
N ALA B 66 28.52 -9.50 -0.36
CA ALA B 66 29.22 -8.29 -0.80
C ALA B 66 28.35 -7.07 -0.50
N THR B 67 29.02 -5.95 -0.21
CA THR B 67 28.37 -4.70 0.18
C THR B 67 28.96 -3.57 -0.66
N ARG B 68 28.10 -2.77 -1.31
CA ARG B 68 28.58 -1.78 -2.26
C ARG B 68 27.89 -0.44 -2.05
N ASN B 69 28.69 0.62 -1.90
CA ASN B 69 28.15 1.96 -1.91
C ASN B 69 28.00 2.39 -3.38
N ILE B 70 27.72 3.66 -3.62
CA ILE B 70 27.40 4.10 -4.99
C ILE B 70 28.61 3.95 -5.91
N GLY B 71 29.79 4.38 -5.45
CA GLY B 71 30.97 4.30 -6.30
C GLY B 71 31.39 2.87 -6.59
N GLU B 72 31.31 2.00 -5.58
CA GLU B 72 31.60 0.58 -5.80
C GLU B 72 30.60 -0.04 -6.76
N SER B 73 29.33 0.40 -6.70
CA SER B 73 28.33 -0.14 -7.61
C SER B 73 28.61 0.29 -9.04
N MET B 74 29.00 1.55 -9.25
CA MET B 74 29.37 1.99 -10.60
C MET B 74 30.57 1.20 -11.11
N GLU B 75 31.56 0.98 -10.25
CA GLU B 75 32.74 0.21 -10.63
C GLU B 75 32.36 -1.22 -10.99
N ALA B 76 31.51 -1.85 -10.17
CA ALA B 76 31.09 -3.21 -10.43
C ALA B 76 30.26 -3.31 -11.70
N CYS B 77 29.44 -2.29 -11.98
CA CYS B 77 28.72 -2.25 -13.25
C CYS B 77 29.69 -2.20 -14.43
N ALA B 78 30.69 -1.31 -14.37
CA ALA B 78 31.64 -1.24 -15.47
C ALA B 78 32.38 -2.57 -15.65
N ASN B 79 32.78 -3.20 -14.54
CA ASN B 79 33.39 -4.52 -14.63
C ASN B 79 32.44 -5.53 -15.26
N ALA B 80 31.17 -5.54 -14.80
CA ALA B 80 30.22 -6.54 -15.29
C ALA B 80 29.95 -6.36 -16.79
N LYS B 81 30.04 -5.14 -17.29
CA LYS B 81 29.84 -4.92 -18.72
C LYS B 81 30.95 -5.54 -19.57
N GLU B 82 32.08 -5.91 -18.98
CA GLU B 82 33.08 -6.65 -19.75
C GLU B 82 32.61 -8.07 -20.03
N VAL B 83 31.69 -8.59 -19.22
CA VAL B 83 31.22 -9.97 -19.31
C VAL B 83 29.84 -10.04 -19.93
N PHE B 84 28.92 -9.20 -19.46
CA PHE B 84 27.55 -9.15 -19.92
C PHE B 84 27.43 -8.16 -21.07
N LYS B 85 27.09 -8.67 -22.26
CA LYS B 85 26.74 -7.76 -23.34
C LYS B 85 25.40 -7.09 -23.06
N SER B 86 24.45 -7.83 -22.50
CA SER B 86 23.12 -7.32 -22.21
C SER B 86 22.61 -7.95 -20.92
N LEU B 87 21.65 -7.27 -20.28
CA LEU B 87 21.05 -7.78 -19.06
C LEU B 87 19.61 -7.30 -18.99
N THR B 88 18.71 -8.19 -18.57
CA THR B 88 17.32 -7.83 -18.32
C THR B 88 16.87 -8.54 -17.05
N VAL B 89 16.40 -7.78 -16.05
CA VAL B 89 15.67 -8.36 -14.94
C VAL B 89 14.23 -7.90 -15.04
N SER B 90 13.31 -8.81 -14.73
CA SER B 90 11.90 -8.48 -14.86
C SER B 90 11.14 -9.13 -13.71
N VAL B 91 10.14 -8.40 -13.23
CA VAL B 91 9.30 -8.93 -12.16
C VAL B 91 8.48 -10.07 -12.73
N ILE B 92 8.61 -11.24 -12.12
CA ILE B 92 7.93 -12.41 -12.67
C ILE B 92 6.42 -12.25 -12.58
N ASP B 93 5.91 -11.79 -11.43
CA ASP B 93 4.46 -11.63 -11.28
C ASP B 93 4.22 -10.53 -10.27
N ASP B 94 3.67 -9.40 -10.74
CA ASP B 94 3.38 -8.27 -9.85
C ASP B 94 2.48 -8.66 -8.69
N ASN B 95 1.65 -9.70 -8.87
CA ASN B 95 0.81 -10.16 -7.77
C ASN B 95 1.62 -10.65 -6.58
N ASP B 96 2.86 -11.08 -6.81
CA ASP B 96 3.71 -11.62 -5.75
C ASP B 96 4.56 -10.56 -5.06
N THR B 97 4.49 -9.33 -5.55
CA THR B 97 5.23 -8.22 -4.96
C THR B 97 4.74 -7.93 -3.55
N ILE B 98 5.68 -7.72 -2.61
CA ILE B 98 5.38 -7.51 -1.20
C ILE B 98 5.70 -6.06 -0.86
N VAL B 99 4.81 -5.39 -0.13
CA VAL B 99 5.02 -3.98 0.18
C VAL B 99 4.71 -3.73 1.64
N ASP B 100 5.63 -3.08 2.36
CA ASP B 100 5.44 -2.70 3.76
C ASP B 100 5.47 -1.18 3.82
N GLU B 101 4.27 -0.56 3.88
CA GLU B 101 4.20 0.89 3.88
C GLU B 101 4.87 1.52 5.09
N ARG B 102 4.85 0.83 6.24
CA ARG B 102 5.46 1.39 7.45
C ARG B 102 6.97 1.47 7.34
N THR B 103 7.62 0.39 6.92
CA THR B 103 9.07 0.41 6.78
C THR B 103 9.51 0.85 5.39
N ARG B 104 8.57 1.16 4.51
CA ARG B 104 8.87 1.65 3.15
C ARG B 104 9.65 0.60 2.37
N LYS B 105 9.26 -0.67 2.52
CA LYS B 105 10.01 -1.74 1.87
C LYS B 105 9.19 -2.40 0.77
N VAL B 106 9.88 -2.82 -0.30
CA VAL B 106 9.28 -3.52 -1.42
C VAL B 106 10.13 -4.75 -1.72
N VAL B 107 9.48 -5.88 -2.00
CA VAL B 107 10.16 -7.12 -2.37
C VAL B 107 9.68 -7.54 -3.76
N PHE B 108 10.63 -7.71 -4.67
CA PHE B 108 10.38 -8.25 -6.01
C PHE B 108 11.01 -9.64 -6.11
N TYR B 109 10.36 -10.56 -6.81
CA TYR B 109 11.00 -11.80 -7.25
C TYR B 109 11.13 -11.72 -8.78
N LEU B 110 12.36 -11.83 -9.27
CA LEU B 110 12.72 -11.41 -10.62
C LEU B 110 13.33 -12.55 -11.42
N ALA B 111 13.07 -12.53 -12.71
CA ALA B 111 13.82 -13.30 -13.69
C ALA B 111 14.99 -12.45 -14.17
N SER B 112 16.17 -13.06 -14.27
CA SER B 112 17.33 -12.38 -14.83
C SER B 112 17.79 -13.12 -16.08
N ARG B 113 18.11 -12.37 -17.12
CA ARG B 113 18.52 -12.94 -18.41
C ARG B 113 19.63 -12.07 -18.98
N GLY B 114 20.67 -12.70 -19.48
CA GLY B 114 21.76 -11.95 -20.07
C GLY B 114 22.44 -12.70 -21.20
N ASP B 115 23.03 -11.95 -22.10
CA ASP B 115 23.97 -12.48 -23.08
C ASP B 115 25.38 -12.13 -22.61
N THR B 116 26.24 -13.14 -22.48
CA THR B 116 27.54 -12.93 -21.88
C THR B 116 28.61 -13.53 -22.78
N ILE B 117 29.87 -13.24 -22.44
CA ILE B 117 30.97 -13.77 -23.23
C ILE B 117 31.10 -15.28 -23.09
N VAL B 118 30.42 -15.89 -22.12
CA VAL B 118 30.44 -17.34 -22.03
C VAL B 118 29.05 -17.93 -22.29
N GLY B 119 28.19 -17.18 -22.96
CA GLY B 119 26.89 -17.68 -23.32
C GLY B 119 25.76 -17.16 -22.46
N GLU B 120 24.68 -17.93 -22.38
CA GLU B 120 23.45 -17.45 -21.74
C GLU B 120 23.59 -17.36 -20.23
N TRP B 121 23.11 -16.25 -19.67
CA TRP B 121 22.84 -16.13 -18.24
C TRP B 121 21.34 -16.24 -18.03
N LYS B 122 20.91 -17.14 -17.14
CA LYS B 122 19.47 -17.34 -16.93
C LYS B 122 19.28 -17.71 -15.47
N SER B 123 18.63 -16.85 -14.70
CA SER B 123 18.52 -17.15 -13.28
C SER B 123 17.30 -16.44 -12.72
N GLU B 124 17.16 -16.47 -11.40
CA GLU B 124 16.13 -15.70 -10.70
C GLU B 124 16.75 -15.14 -9.43
N CYS B 125 16.15 -14.08 -8.91
CA CYS B 125 16.69 -13.43 -7.73
C CYS B 125 15.59 -12.69 -6.99
N ILE B 126 15.83 -12.46 -5.70
CA ILE B 126 14.94 -11.67 -4.85
C ILE B 126 15.64 -10.34 -4.54
N PHE B 127 14.95 -9.23 -4.79
CA PHE B 127 15.46 -7.90 -4.47
C PHE B 127 14.57 -7.31 -3.38
N ILE B 128 15.17 -6.87 -2.29
CA ILE B 128 14.46 -6.14 -1.25
C ILE B 128 14.92 -4.69 -1.29
N PHE B 129 13.98 -3.78 -1.34
CA PHE B 129 14.28 -2.35 -1.37
C PHE B 129 13.75 -1.72 -0.11
N GLN B 130 14.50 -0.79 0.46
CA GLN B 130 13.94 0.15 1.42
C GLN B 130 14.03 1.54 0.82
N MET B 131 12.90 2.24 0.75
CA MET B 131 12.87 3.53 0.10
C MET B 131 13.20 4.65 1.08
N SER B 132 13.59 5.79 0.51
CA SER B 132 13.77 7.02 1.26
C SER B 132 12.44 7.45 1.91
N GLU B 133 12.55 8.35 2.88
CA GLU B 133 11.37 8.78 3.64
C GLU B 133 10.27 9.29 2.71
N ASP B 134 10.65 9.98 1.62
CA ASP B 134 9.63 10.49 0.72
C ASP B 134 9.17 9.44 -0.30
N GLY B 135 9.73 8.23 -0.28
CA GLY B 135 9.30 7.14 -1.13
C GLY B 135 9.86 7.14 -2.54
N LYS B 136 10.62 8.15 -2.93
CA LYS B 136 10.99 8.36 -4.33
C LYS B 136 12.34 7.76 -4.70
N LEU B 137 13.13 7.30 -3.74
CA LEU B 137 14.46 6.80 -4.01
C LEU B 137 14.68 5.52 -3.23
N VAL B 138 15.56 4.69 -3.77
CA VAL B 138 15.99 3.48 -3.06
C VAL B 138 17.12 3.84 -2.10
N ASP B 139 16.90 3.61 -0.82
CA ASP B 139 17.89 3.95 0.20
C ASP B 139 18.76 2.77 0.63
N ARG B 140 18.24 1.55 0.55
CA ARG B 140 19.00 0.33 0.83
C ARG B 140 18.48 -0.76 -0.09
N ILE B 141 19.38 -1.64 -0.56
CA ILE B 141 19.00 -2.78 -1.38
C ILE B 141 19.61 -4.04 -0.79
N TRP B 142 18.82 -5.12 -0.73
CA TRP B 142 19.35 -6.46 -0.45
C TRP B 142 19.00 -7.37 -1.61
N ALA B 143 19.99 -8.07 -2.14
CA ALA B 143 19.81 -8.97 -3.29
C ALA B 143 20.10 -10.40 -2.86
N GLY B 144 19.11 -11.28 -3.01
CA GLY B 144 19.31 -12.70 -2.81
C GLY B 144 19.44 -13.42 -4.14
N PHE B 145 20.64 -13.88 -4.45
CA PHE B 145 20.91 -14.57 -5.70
C PHE B 145 20.95 -16.09 -5.49
N ASP B 146 20.80 -16.81 -6.60
CA ASP B 146 20.98 -18.26 -6.64
C ASP B 146 22.48 -18.52 -6.62
N THR B 147 23.03 -18.78 -5.43
CA THR B 147 24.49 -18.77 -5.28
C THR B 147 25.16 -19.95 -5.97
N ALA B 148 24.50 -21.11 -6.05
CA ALA B 148 25.05 -22.23 -6.80
C ALA B 148 25.13 -21.90 -8.29
N TYR B 149 24.12 -21.20 -8.82
CA TYR B 149 24.18 -20.78 -10.23
C TYR B 149 25.31 -19.78 -10.47
N MET B 150 25.53 -18.87 -9.51
CA MET B 150 26.68 -17.97 -9.64
C MET B 150 27.97 -18.77 -9.70
N ASP B 151 28.12 -19.75 -8.83
CA ASP B 151 29.30 -20.60 -8.85
C ASP B 151 29.48 -21.26 -10.21
N GLU B 152 28.41 -21.84 -10.75
CA GLU B 152 28.48 -22.42 -12.08
C GLU B 152 28.90 -21.40 -13.12
N PHE B 153 28.35 -20.17 -13.04
CA PHE B 153 28.70 -19.16 -14.03
C PHE B 153 30.16 -18.77 -13.93
N GLU B 154 30.69 -18.61 -12.71
CA GLU B 154 32.10 -18.31 -12.59
C GLU B 154 32.97 -19.45 -13.11
N SER B 155 32.51 -20.69 -12.95
CA SER B 155 33.30 -21.80 -13.49
C SER B 155 33.31 -21.76 -15.01
N ARG B 156 32.24 -21.24 -15.62
CA ARG B 156 32.24 -21.00 -17.06
C ARG B 156 33.20 -19.87 -17.41
N LEU B 157 33.15 -18.76 -16.67
CA LEU B 157 34.12 -17.69 -16.86
C LEU B 157 35.54 -18.22 -16.71
N ASP B 158 35.81 -18.93 -15.61
CA ASP B 158 37.15 -19.47 -15.40
C ASP B 158 37.51 -20.58 -16.38
N GLY B 159 36.60 -20.98 -17.27
CA GLY B 159 36.85 -21.98 -18.29
C GLY B 159 37.12 -21.44 -19.66
N ILE B 160 37.23 -20.12 -19.82
CA ILE B 160 37.49 -19.50 -21.12
C ILE B 160 38.75 -20.07 -21.75
N THR B 161 38.67 -20.51 -23.01
CA THR B 161 39.84 -20.93 -23.77
C THR B 161 39.74 -20.39 -25.20
N PHE B 162 40.88 -19.97 -25.75
CA PHE B 162 41.01 -19.65 -27.16
C PHE B 162 42.46 -19.78 -27.59
N PRO C 23 -6.61 -9.21 9.60
CA PRO C 23 -5.50 -9.42 10.54
C PRO C 23 -4.58 -8.21 10.62
N THR C 24 -4.21 -7.83 11.83
CA THR C 24 -3.37 -6.64 12.00
C THR C 24 -1.92 -6.97 11.71
N ARG C 25 -1.11 -5.92 11.61
CA ARG C 25 0.33 -6.10 11.47
C ARG C 25 0.86 -7.00 12.56
N GLU C 26 0.47 -6.74 13.82
CA GLU C 26 0.95 -7.52 14.94
C GLU C 26 0.41 -8.94 14.95
N ASP C 27 -0.82 -9.16 14.48
CA ASP C 27 -1.34 -10.51 14.37
C ASP C 27 -0.49 -11.35 13.41
N LEU C 28 -0.15 -10.78 12.25
CA LEU C 28 0.58 -11.53 11.25
C LEU C 28 1.96 -11.92 11.75
N VAL C 29 2.69 -10.98 12.37
CA VAL C 29 4.01 -11.27 12.91
C VAL C 29 3.94 -12.38 13.96
N ALA C 30 2.95 -12.30 14.85
CA ALA C 30 2.83 -13.31 15.91
C ALA C 30 2.63 -14.70 15.31
N THR C 31 1.77 -14.83 14.29
CA THR C 31 1.60 -16.12 13.66
C THR C 31 2.90 -16.61 13.02
N ALA C 32 3.61 -15.70 12.33
CA ALA C 32 4.90 -16.07 11.75
C ALA C 32 5.89 -16.51 12.83
N LYS C 33 5.93 -15.80 13.96
CA LYS C 33 6.84 -16.19 15.03
C LYS C 33 6.43 -17.51 15.68
N LEU C 34 5.13 -17.77 15.77
CA LEU C 34 4.66 -19.07 16.23
C LEU C 34 5.09 -20.18 15.28
N PHE C 35 5.05 -19.92 13.97
CA PHE C 35 5.58 -20.89 13.02
C PHE C 35 7.05 -21.17 13.29
N ILE C 36 7.84 -20.12 13.52
CA ILE C 36 9.27 -20.31 13.79
C ILE C 36 9.47 -21.13 15.07
N ALA C 37 8.68 -20.84 16.11
CA ALA C 37 8.81 -21.56 17.37
C ALA C 37 8.53 -23.04 17.20
N LYS C 38 7.42 -23.39 16.54
CA LYS C 38 7.14 -24.80 16.27
C LYS C 38 8.14 -25.40 15.29
N TYR C 39 8.65 -24.60 14.36
CA TYR C 39 9.67 -25.06 13.44
C TYR C 39 10.90 -25.54 14.19
N ASN C 40 11.34 -24.77 15.20
CA ASN C 40 12.52 -25.13 15.97
C ASN C 40 12.31 -26.35 16.85
N GLU C 41 11.05 -26.77 17.08
CA GLU C 41 10.83 -28.09 17.66
C GLU C 41 11.33 -29.19 16.72
N PHE C 42 11.25 -28.94 15.40
CA PHE C 42 11.88 -29.78 14.39
C PHE C 42 11.37 -31.22 14.45
N THR C 43 10.05 -31.36 14.48
CA THR C 43 9.42 -32.65 14.26
C THR C 43 8.46 -32.54 13.08
N PRO C 44 8.21 -33.64 12.37
CA PRO C 44 7.24 -33.56 11.27
C PRO C 44 5.91 -32.99 11.70
N GLU C 45 5.50 -33.27 12.94
CA GLU C 45 4.25 -32.70 13.44
C GLU C 45 4.38 -31.19 13.66
N SER C 46 5.50 -30.76 14.27
CA SER C 46 5.63 -29.37 14.66
C SER C 46 5.73 -28.44 13.45
N ILE C 47 6.38 -28.88 12.37
CA ILE C 47 6.62 -28.00 11.23
C ILE C 47 5.37 -27.82 10.36
N ILE C 48 4.33 -28.60 10.61
CA ILE C 48 3.04 -28.42 9.95
C ILE C 48 1.96 -27.90 10.90
N SER C 49 2.27 -27.72 12.19
CA SER C 49 1.24 -27.40 13.16
C SER C 49 0.67 -26.00 13.00
N VAL C 50 1.35 -25.11 12.27
CA VAL C 50 0.86 -23.76 12.06
C VAL C 50 0.52 -23.52 10.59
N ARG C 51 0.33 -24.58 9.81
CA ARG C 51 0.00 -24.44 8.41
C ARG C 51 -1.45 -24.83 8.16
N THR C 52 -2.02 -24.30 7.07
CA THR C 52 -3.33 -24.72 6.64
C THR C 52 -3.23 -26.07 5.95
N PRO C 53 -4.31 -26.87 5.95
CA PRO C 53 -4.24 -28.20 5.33
C PRO C 53 -3.87 -28.19 3.85
N ASN C 54 -4.27 -27.16 3.10
CA ASN C 54 -3.92 -27.06 1.68
C ASN C 54 -2.70 -26.16 1.44
N SER C 55 -1.98 -25.77 2.49
CA SER C 55 -0.82 -24.90 2.33
C SER C 55 0.28 -25.58 1.50
N VAL C 56 1.03 -24.77 0.77
CA VAL C 56 2.15 -25.22 -0.03
C VAL C 56 3.40 -24.42 0.35
N SER C 57 4.55 -25.09 0.37
CA SER C 57 5.83 -24.44 0.63
C SER C 57 6.65 -24.45 -0.66
N HIS C 58 7.02 -23.27 -1.14
CA HIS C 58 7.83 -23.11 -2.34
C HIS C 58 9.28 -22.86 -1.95
N ARG C 59 10.18 -23.55 -2.61
CA ARG C 59 11.60 -23.26 -2.44
C ARG C 59 12.00 -22.39 -3.63
N LEU C 60 12.56 -21.22 -3.34
CA LEU C 60 12.96 -20.28 -4.38
C LEU C 60 14.23 -20.76 -5.08
N PHE C 61 14.49 -20.15 -6.25
CA PHE C 61 15.68 -20.24 -7.09
C PHE C 61 15.65 -21.49 -7.97
N PRO C 62 16.08 -21.36 -9.23
CA PRO C 62 16.01 -22.51 -10.15
C PRO C 62 16.77 -23.74 -9.67
N THR C 63 17.99 -23.61 -9.11
CA THR C 63 18.77 -24.81 -8.81
C THR C 63 18.12 -25.64 -7.69
N ARG C 64 17.22 -25.06 -6.90
CA ARG C 64 16.58 -25.82 -5.84
C ARG C 64 15.06 -25.76 -5.92
N ASN C 65 14.50 -25.45 -7.08
CA ASN C 65 13.08 -25.21 -7.21
C ASN C 65 12.27 -26.44 -6.76
N ALA C 66 11.33 -26.23 -5.86
CA ALA C 66 10.51 -27.32 -5.35
C ALA C 66 9.24 -26.77 -4.74
N THR C 67 8.27 -27.66 -4.58
CA THR C 67 6.97 -27.35 -4.02
C THR C 67 6.51 -28.54 -3.20
N ARG C 68 6.13 -28.32 -1.94
CA ARG C 68 5.78 -29.41 -1.03
C ARG C 68 4.49 -29.06 -0.29
N ASN C 69 3.50 -29.95 -0.38
CA ASN C 69 2.31 -29.85 0.46
C ASN C 69 2.63 -30.34 1.88
N ILE C 70 1.60 -30.38 2.73
CA ILE C 70 1.79 -30.77 4.12
C ILE C 70 2.44 -32.15 4.22
N GLY C 71 1.98 -33.09 3.40
CA GLY C 71 2.49 -34.44 3.47
C GLY C 71 3.94 -34.55 3.04
N GLU C 72 4.30 -33.91 1.92
CA GLU C 72 5.68 -33.93 1.47
C GLU C 72 6.59 -33.18 2.43
N SER C 73 6.06 -32.17 3.12
CA SER C 73 6.84 -31.46 4.13
C SER C 73 7.12 -32.35 5.33
N MET C 74 6.11 -33.06 5.83
CA MET C 74 6.36 -34.00 6.92
C MET C 74 7.40 -35.03 6.52
N GLU C 75 7.29 -35.53 5.28
CA GLU C 75 8.24 -36.53 4.80
C GLU C 75 9.65 -35.97 4.74
N ALA C 76 9.80 -34.75 4.20
CA ALA C 76 11.11 -34.13 4.10
C ALA C 76 11.70 -33.84 5.47
N CYS C 77 10.85 -33.53 6.45
CA CYS C 77 11.36 -33.30 7.80
C CYS C 77 11.91 -34.59 8.41
N ALA C 78 11.18 -35.69 8.29
CA ALA C 78 11.68 -36.97 8.80
C ALA C 78 13.02 -37.32 8.17
N ASN C 79 13.14 -37.15 6.85
CA ASN C 79 14.41 -37.37 6.16
C ASN C 79 15.51 -36.47 6.70
N ALA C 80 15.21 -35.19 6.92
CA ALA C 80 16.23 -34.27 7.38
C ALA C 80 16.72 -34.60 8.79
N LYS C 81 15.85 -35.18 9.63
CA LYS C 81 16.25 -35.53 10.99
C LYS C 81 17.25 -36.69 11.02
N GLU C 82 17.36 -37.45 9.93
CA GLU C 82 18.43 -38.45 9.81
C GLU C 82 19.80 -37.80 9.78
N VAL C 83 19.88 -36.57 9.28
CA VAL C 83 21.14 -35.87 9.10
C VAL C 83 21.33 -34.80 10.16
N PHE C 84 20.26 -34.07 10.49
CA PHE C 84 20.32 -32.98 11.46
C PHE C 84 20.00 -33.52 12.85
N LYS C 85 21.02 -33.55 13.71
CA LYS C 85 20.78 -33.89 15.11
C LYS C 85 20.00 -32.78 15.81
N SER C 86 20.18 -31.54 15.36
CA SER C 86 19.45 -30.41 15.91
C SER C 86 19.44 -29.31 14.86
N LEU C 87 18.43 -28.45 14.94
CA LEU C 87 18.30 -27.34 14.02
C LEU C 87 17.62 -26.19 14.73
N THR C 88 18.24 -25.01 14.68
CA THR C 88 17.59 -23.80 15.16
C THR C 88 17.67 -22.73 14.08
N VAL C 89 16.54 -22.06 13.84
CA VAL C 89 16.48 -20.87 13.00
C VAL C 89 15.96 -19.73 13.84
N SER C 90 16.57 -18.56 13.69
CA SER C 90 16.21 -17.44 14.53
C SER C 90 16.21 -16.16 13.70
N VAL C 91 15.25 -15.29 13.99
CA VAL C 91 15.20 -14.00 13.33
C VAL C 91 16.43 -13.22 13.72
N ILE C 92 17.22 -12.82 12.72
CA ILE C 92 18.50 -12.18 13.02
C ILE C 92 18.27 -10.80 13.65
N ASP C 93 17.25 -10.08 13.20
CA ASP C 93 17.00 -8.72 13.67
C ASP C 93 15.55 -8.38 13.39
N ASP C 94 14.73 -8.30 14.46
CA ASP C 94 13.33 -7.95 14.28
C ASP C 94 13.12 -6.63 13.56
N ASN C 95 14.11 -5.72 13.58
CA ASN C 95 13.93 -4.46 12.87
C ASN C 95 13.91 -4.64 11.35
N ASP C 96 14.37 -5.78 10.85
CA ASP C 96 14.42 -6.00 9.41
C ASP C 96 13.19 -6.72 8.88
N THR C 97 12.30 -7.18 9.77
CA THR C 97 11.12 -7.92 9.35
C THR C 97 10.21 -7.05 8.50
N ILE C 98 9.60 -7.66 7.47
CA ILE C 98 8.76 -6.97 6.50
C ILE C 98 7.35 -7.47 6.68
N VAL C 99 6.38 -6.57 6.80
CA VAL C 99 4.99 -6.97 7.00
C VAL C 99 4.10 -6.23 5.99
N ASP C 100 3.37 -6.99 5.19
CA ASP C 100 2.45 -6.47 4.20
C ASP C 100 1.03 -6.87 4.62
N GLU C 101 0.33 -5.93 5.27
CA GLU C 101 -1.00 -6.24 5.76
C GLU C 101 -1.97 -6.57 4.64
N ARG C 102 -1.79 -5.97 3.47
CA ARG C 102 -2.75 -6.17 2.39
C ARG C 102 -2.71 -7.60 1.85
N THR C 103 -1.52 -8.18 1.71
CA THR C 103 -1.40 -9.55 1.22
C THR C 103 -1.17 -10.56 2.33
N ARG C 104 -1.22 -10.11 3.59
CA ARG C 104 -1.04 -10.95 4.77
C ARG C 104 0.30 -11.66 4.74
N LYS C 105 1.35 -10.94 4.37
CA LYS C 105 2.67 -11.53 4.25
C LYS C 105 3.64 -10.97 5.28
N VAL C 106 4.50 -11.85 5.79
CA VAL C 106 5.60 -11.50 6.67
C VAL C 106 6.87 -12.10 6.07
N VAL C 107 7.96 -11.33 6.12
CA VAL C 107 9.26 -11.79 5.61
C VAL C 107 10.25 -11.74 6.78
N PHE C 108 10.86 -12.89 7.08
CA PHE C 108 11.93 -13.01 8.07
C PHE C 108 13.25 -13.28 7.37
N TYR C 109 14.32 -12.63 7.81
CA TYR C 109 15.67 -13.03 7.44
C TYR C 109 16.30 -13.75 8.64
N LEU C 110 16.66 -15.01 8.44
CA LEU C 110 16.92 -15.94 9.53
C LEU C 110 18.34 -16.49 9.50
N ALA C 111 18.88 -16.74 10.69
CA ALA C 111 20.10 -17.53 10.86
C ALA C 111 19.70 -18.98 11.07
N SER C 112 20.38 -19.90 10.40
CA SER C 112 20.13 -21.33 10.56
C SER C 112 21.40 -21.97 11.09
N ARG C 113 21.27 -22.73 12.18
CA ARG C 113 22.40 -23.39 12.81
C ARG C 113 21.99 -24.83 13.10
N GLY C 114 22.83 -25.79 12.71
CA GLY C 114 22.50 -27.17 12.96
C GLY C 114 23.70 -28.04 13.31
N ASP C 115 23.47 -29.04 14.16
CA ASP C 115 24.46 -30.08 14.47
C ASP C 115 24.11 -31.29 13.62
N THR C 116 25.00 -31.67 12.70
CA THR C 116 24.67 -32.72 11.75
C THR C 116 25.67 -33.87 11.85
N ILE C 117 25.34 -34.97 11.17
CA ILE C 117 26.24 -36.11 11.12
C ILE C 117 27.53 -35.79 10.39
N VAL C 118 27.59 -34.70 9.61
CA VAL C 118 28.84 -34.35 8.95
C VAL C 118 29.38 -33.04 9.48
N GLY C 119 29.01 -32.67 10.69
CA GLY C 119 29.51 -31.46 11.30
C GLY C 119 28.48 -30.34 11.32
N GLU C 120 29.00 -29.13 11.48
CA GLU C 120 28.15 -27.97 11.73
C GLU C 120 27.42 -27.52 10.47
N TRP C 121 26.14 -27.21 10.61
CA TRP C 121 25.39 -26.47 9.62
C TRP C 121 25.35 -25.01 10.07
N LYS C 122 25.73 -24.10 9.18
CA LYS C 122 25.72 -22.67 9.51
C LYS C 122 25.34 -21.90 8.26
N SER C 123 24.17 -21.25 8.25
CA SER C 123 23.75 -20.55 7.04
C SER C 123 22.69 -19.52 7.40
N GLU C 124 22.17 -18.85 6.39
CA GLU C 124 21.08 -17.90 6.55
C GLU C 124 20.07 -18.13 5.45
N CYS C 125 18.82 -17.73 5.71
CA CYS C 125 17.77 -17.96 4.75
C CYS C 125 16.67 -16.91 4.93
N ILE C 126 15.91 -16.72 3.86
CA ILE C 126 14.79 -15.77 3.87
C ILE C 126 13.51 -16.59 3.72
N PHE C 127 12.56 -16.36 4.63
CA PHE C 127 11.27 -17.04 4.64
C PHE C 127 10.18 -16.01 4.41
N ILE C 128 9.30 -16.28 3.45
CA ILE C 128 8.12 -15.45 3.22
C ILE C 128 6.90 -16.28 3.59
N PHE C 129 6.08 -15.75 4.49
CA PHE C 129 4.84 -16.41 4.90
C PHE C 129 3.66 -15.59 4.40
N GLN C 130 2.67 -16.25 3.78
CA GLN C 130 1.37 -15.64 3.55
C GLN C 130 0.38 -16.29 4.50
N MET C 131 -0.25 -15.47 5.34
CA MET C 131 -1.13 -16.02 6.36
C MET C 131 -2.51 -16.31 5.79
N SER C 132 -3.24 -17.19 6.47
CA SER C 132 -4.63 -17.43 6.12
C SER C 132 -5.43 -16.15 6.29
N GLU C 133 -6.68 -16.17 5.82
CA GLU C 133 -7.51 -14.99 5.87
C GLU C 133 -7.72 -14.50 7.30
N ASP C 134 -7.86 -15.41 8.25
CA ASP C 134 -8.04 -14.96 9.63
C ASP C 134 -6.72 -14.65 10.33
N GLY C 135 -5.58 -14.82 9.65
CA GLY C 135 -4.30 -14.50 10.23
C GLY C 135 -3.73 -15.53 11.19
N LYS C 136 -4.43 -16.64 11.42
CA LYS C 136 -4.07 -17.58 12.46
C LYS C 136 -3.15 -18.70 12.00
N LEU C 137 -3.08 -18.95 10.69
CA LEU C 137 -2.28 -20.05 10.16
C LEU C 137 -1.50 -19.60 8.93
N VAL C 138 -0.44 -20.35 8.62
CA VAL C 138 0.37 -20.06 7.44
C VAL C 138 -0.22 -20.83 6.27
N ASP C 139 -0.65 -20.08 5.26
CA ASP C 139 -1.30 -20.63 4.06
C ASP C 139 -0.33 -20.84 2.89
N ARG C 140 0.75 -20.07 2.82
CA ARG C 140 1.76 -20.26 1.78
C ARG C 140 3.10 -19.87 2.35
N ILE C 141 4.16 -20.55 1.90
CA ILE C 141 5.53 -20.29 2.32
C ILE C 141 6.41 -20.25 1.08
N TRP C 142 7.35 -19.31 1.06
CA TRP C 142 8.45 -19.32 0.10
C TRP C 142 9.74 -19.24 0.90
N ALA C 143 10.71 -20.10 0.58
CA ALA C 143 11.97 -20.17 1.31
C ALA C 143 13.12 -19.99 0.33
N GLY C 144 13.98 -19.01 0.61
CA GLY C 144 15.16 -18.81 -0.19
C GLY C 144 16.42 -19.19 0.58
N PHE C 145 17.06 -20.28 0.18
CA PHE C 145 18.28 -20.75 0.81
C PHE C 145 19.50 -20.35 0.00
N ASP C 146 20.66 -20.43 0.66
CA ASP C 146 21.98 -20.31 0.03
C ASP C 146 22.25 -21.61 -0.71
N THR C 147 22.04 -21.61 -2.02
CA THR C 147 22.08 -22.87 -2.74
C THR C 147 23.51 -23.40 -2.91
N ALA C 148 24.50 -22.50 -3.00
CA ALA C 148 25.88 -22.97 -3.03
C ALA C 148 26.23 -23.68 -1.73
N TYR C 149 25.75 -23.17 -0.60
CA TYR C 149 26.01 -23.82 0.66
C TYR C 149 25.32 -25.18 0.72
N MET C 150 24.08 -25.27 0.21
CA MET C 150 23.41 -26.56 0.15
C MET C 150 24.21 -27.57 -0.68
N ASP C 151 24.75 -27.12 -1.82
CA ASP C 151 25.60 -28.01 -2.62
C ASP C 151 26.83 -28.45 -1.83
N GLU C 152 27.49 -27.52 -1.15
CA GLU C 152 28.67 -27.85 -0.36
C GLU C 152 28.32 -28.84 0.74
N PHE C 153 27.17 -28.65 1.39
CA PHE C 153 26.76 -29.55 2.46
C PHE C 153 26.47 -30.96 1.93
N GLU C 154 25.82 -31.06 0.76
CA GLU C 154 25.58 -32.37 0.16
C GLU C 154 26.88 -33.04 -0.27
N SER C 155 27.91 -32.26 -0.64
CA SER C 155 29.20 -32.87 -0.94
C SER C 155 29.85 -33.42 0.32
N ARG C 156 29.65 -32.75 1.46
CA ARG C 156 30.10 -33.31 2.73
C ARG C 156 29.40 -34.63 3.02
N LEU C 157 28.07 -34.70 2.77
CA LEU C 157 27.35 -35.94 2.95
C LEU C 157 27.90 -37.05 2.05
N ASP C 158 28.36 -36.70 0.85
CA ASP C 158 28.97 -37.71 0.00
C ASP C 158 30.32 -38.20 0.52
N GLY C 159 30.89 -37.52 1.50
CA GLY C 159 32.16 -37.89 2.08
C GLY C 159 32.11 -38.86 3.23
N ILE C 160 30.92 -39.37 3.58
CA ILE C 160 30.86 -40.42 4.59
C ILE C 160 31.38 -41.72 3.99
N THR C 161 32.33 -42.34 4.68
CA THR C 161 32.92 -43.59 4.24
C THR C 161 33.17 -44.47 5.45
N PHE C 162 33.25 -45.78 5.21
CA PHE C 162 33.54 -46.73 6.27
C PHE C 162 34.95 -47.31 6.12
N PRO D 23 -17.73 13.10 -6.38
CA PRO D 23 -18.42 13.13 -7.67
C PRO D 23 -18.85 11.74 -8.13
N THR D 24 -20.06 11.63 -8.67
CA THR D 24 -20.57 10.32 -9.07
C THR D 24 -20.00 9.92 -10.43
N ARG D 25 -20.34 8.70 -10.85
CA ARG D 25 -19.97 8.28 -12.20
C ARG D 25 -20.57 9.20 -13.25
N GLU D 26 -21.85 9.56 -13.08
CA GLU D 26 -22.50 10.44 -14.04
C GLU D 26 -21.90 11.85 -14.00
N ASP D 27 -21.54 12.33 -12.80
CA ASP D 27 -20.83 13.60 -12.67
C ASP D 27 -19.57 13.60 -13.53
N LEU D 28 -18.76 12.55 -13.39
CA LEU D 28 -17.47 12.51 -14.08
C LEU D 28 -17.64 12.50 -15.59
N VAL D 29 -18.56 11.68 -16.09
CA VAL D 29 -18.78 11.62 -17.54
C VAL D 29 -19.26 12.97 -18.06
N ALA D 30 -20.13 13.65 -17.30
CA ALA D 30 -20.68 14.92 -17.76
C ALA D 30 -19.57 15.94 -17.96
N THR D 31 -18.62 16.02 -17.02
CA THR D 31 -17.54 16.98 -17.13
C THR D 31 -16.65 16.63 -18.32
N ALA D 32 -16.31 15.35 -18.47
CA ALA D 32 -15.58 14.90 -19.66
C ALA D 32 -16.33 15.27 -20.94
N LYS D 33 -17.64 15.02 -20.98
CA LYS D 33 -18.40 15.35 -22.19
C LYS D 33 -18.43 16.85 -22.44
N LEU D 34 -18.45 17.66 -21.38
CA LEU D 34 -18.36 19.10 -21.58
C LEU D 34 -16.99 19.47 -22.14
N PHE D 35 -15.92 18.85 -21.63
CA PHE D 35 -14.61 19.11 -22.19
C PHE D 35 -14.59 18.86 -23.69
N ILE D 36 -15.21 17.77 -24.12
CA ILE D 36 -15.24 17.45 -25.55
C ILE D 36 -16.01 18.52 -26.34
N ALA D 37 -17.16 18.95 -25.82
CA ALA D 37 -17.96 19.96 -26.52
C ALA D 37 -17.14 21.23 -26.73
N LYS D 38 -16.46 21.69 -25.68
CA LYS D 38 -15.65 22.90 -25.78
C LYS D 38 -14.40 22.67 -26.60
N TYR D 39 -13.85 21.45 -26.58
CA TYR D 39 -12.76 21.09 -27.46
C TYR D 39 -13.16 21.30 -28.92
N ASN D 40 -14.36 20.84 -29.27
CA ASN D 40 -14.80 20.95 -30.66
C ASN D 40 -15.06 22.40 -31.06
N GLU D 41 -15.39 23.28 -30.11
CA GLU D 41 -15.44 24.70 -30.43
C GLU D 41 -14.07 25.21 -30.86
N PHE D 42 -12.99 24.69 -30.27
CA PHE D 42 -11.66 24.74 -30.86
C PHE D 42 -11.13 26.18 -31.00
N THR D 43 -11.22 26.95 -29.90
CA THR D 43 -10.52 28.22 -29.74
C THR D 43 -9.59 28.10 -28.54
N PRO D 44 -8.54 28.93 -28.47
CA PRO D 44 -7.63 28.84 -27.32
C PRO D 44 -8.32 28.98 -25.98
N GLU D 45 -9.38 29.78 -25.89
CA GLU D 45 -10.11 29.90 -24.64
C GLU D 45 -11.01 28.70 -24.40
N SER D 46 -11.69 28.20 -25.44
CA SER D 46 -12.63 27.10 -25.22
C SER D 46 -11.92 25.82 -24.80
N ILE D 47 -10.71 25.58 -25.30
CA ILE D 47 -10.03 24.32 -25.01
C ILE D 47 -9.41 24.28 -23.62
N ILE D 48 -9.35 25.43 -22.93
CA ILE D 48 -8.95 25.47 -21.53
C ILE D 48 -10.11 25.73 -20.59
N SER D 49 -11.30 26.02 -21.11
CA SER D 49 -12.41 26.47 -20.28
C SER D 49 -12.86 25.43 -19.26
N VAL D 50 -12.59 24.16 -19.51
CA VAL D 50 -12.99 23.08 -18.61
C VAL D 50 -11.78 22.50 -17.88
N ARG D 51 -10.66 23.20 -17.88
CA ARG D 51 -9.45 22.73 -17.23
C ARG D 51 -9.15 23.56 -15.99
N THR D 52 -8.52 22.92 -15.00
CA THR D 52 -8.03 23.61 -13.84
C THR D 52 -6.81 24.46 -14.22
N PRO D 53 -6.52 25.51 -13.45
CA PRO D 53 -5.41 26.41 -13.83
C PRO D 53 -4.04 25.74 -13.86
N ASN D 54 -3.77 24.75 -13.00
CA ASN D 54 -2.51 24.04 -13.02
C ASN D 54 -2.56 22.75 -13.85
N SER D 55 -3.63 22.55 -14.62
CA SER D 55 -3.79 21.30 -15.35
C SER D 55 -2.72 21.14 -16.42
N VAL D 56 -2.40 19.88 -16.72
CA VAL D 56 -1.37 19.53 -17.68
C VAL D 56 -1.95 18.50 -18.64
N SER D 57 -1.62 18.63 -19.91
CA SER D 57 -2.02 17.69 -20.95
C SER D 57 -0.80 16.87 -21.36
N HIS D 58 -0.94 15.55 -21.31
CA HIS D 58 0.14 14.64 -21.68
C HIS D 58 -0.18 13.95 -23.00
N ARG D 59 0.88 13.59 -23.71
CA ARG D 59 0.78 12.69 -24.84
C ARG D 59 1.16 11.29 -24.40
N LEU D 60 0.45 10.31 -24.93
CA LEU D 60 0.95 8.97 -24.79
C LEU D 60 1.89 8.70 -25.96
N PHE D 61 2.79 7.75 -25.74
CA PHE D 61 3.65 7.15 -26.77
C PHE D 61 4.91 7.97 -26.96
N PRO D 62 6.07 7.32 -26.99
CA PRO D 62 7.33 8.04 -27.16
C PRO D 62 7.42 8.93 -28.41
N THR D 63 6.87 8.53 -29.56
CA THR D 63 7.22 9.23 -30.81
C THR D 63 6.61 10.64 -30.88
N ARG D 64 5.45 10.90 -30.29
CA ARG D 64 5.00 12.29 -30.31
C ARG D 64 4.80 12.84 -28.89
N ASN D 65 5.65 12.40 -27.98
CA ASN D 65 5.54 12.78 -26.59
C ASN D 65 5.58 14.30 -26.42
N ALA D 66 4.55 14.86 -25.79
CA ALA D 66 4.51 16.28 -25.48
C ALA D 66 3.71 16.47 -24.19
N THR D 67 4.08 17.51 -23.44
CA THR D 67 3.40 17.87 -22.20
C THR D 67 3.16 19.36 -22.21
N ARG D 68 1.92 19.78 -21.95
CA ARG D 68 1.55 21.18 -22.13
C ARG D 68 0.70 21.65 -20.97
N ASN D 69 1.07 22.80 -20.40
CA ASN D 69 0.24 23.46 -19.41
C ASN D 69 -0.81 24.31 -20.13
N ILE D 70 -1.53 25.14 -19.36
CA ILE D 70 -2.62 25.94 -19.93
C ILE D 70 -2.11 26.88 -21.01
N GLY D 71 -1.06 27.65 -20.70
CA GLY D 71 -0.51 28.56 -21.69
C GLY D 71 0.00 27.85 -22.93
N GLU D 72 0.73 26.75 -22.73
CA GLU D 72 1.24 25.98 -23.85
C GLU D 72 0.11 25.38 -24.69
N SER D 73 -0.98 24.96 -24.04
CA SER D 73 -2.12 24.42 -24.77
C SER D 73 -2.82 25.49 -25.61
N MET D 74 -2.97 26.70 -25.07
CA MET D 74 -3.57 27.78 -25.85
C MET D 74 -2.75 28.07 -27.09
N GLU D 75 -1.44 28.21 -26.94
CA GLU D 75 -0.59 28.51 -28.08
C GLU D 75 -0.64 27.38 -29.11
N ALA D 76 -0.65 26.14 -28.65
CA ALA D 76 -0.73 25.00 -29.56
C ALA D 76 -2.06 24.99 -30.30
N CYS D 77 -3.15 25.39 -29.64
CA CYS D 77 -4.42 25.52 -30.34
C CYS D 77 -4.33 26.55 -31.44
N ALA D 78 -3.78 27.73 -31.13
CA ALA D 78 -3.69 28.79 -32.14
C ALA D 78 -2.89 28.32 -33.35
N ASN D 79 -1.76 27.66 -33.11
CA ASN D 79 -0.97 27.08 -34.20
C ASN D 79 -1.79 26.09 -35.01
N ALA D 80 -2.50 25.19 -34.32
CA ALA D 80 -3.25 24.15 -35.02
C ALA D 80 -4.38 24.75 -35.85
N LYS D 81 -4.97 25.86 -35.40
CA LYS D 81 -6.04 26.50 -36.14
C LYS D 81 -5.56 27.06 -37.49
N GLU D 82 -4.25 27.24 -37.67
CA GLU D 82 -3.71 27.60 -38.97
C GLU D 82 -3.85 26.47 -39.99
N VAL D 83 -4.01 25.23 -39.53
CA VAL D 83 -4.12 24.07 -40.39
C VAL D 83 -5.51 23.47 -40.37
N PHE D 84 -6.12 23.36 -39.19
CA PHE D 84 -7.44 22.76 -39.04
C PHE D 84 -8.50 23.86 -39.10
N LYS D 85 -9.30 23.84 -40.17
CA LYS D 85 -10.42 24.77 -40.29
C LYS D 85 -11.54 24.41 -39.33
N SER D 86 -11.75 23.11 -39.14
CA SER D 86 -12.84 22.63 -38.30
C SER D 86 -12.42 21.29 -37.72
N LEU D 87 -12.86 21.02 -36.50
CA LEU D 87 -12.48 19.79 -35.81
C LEU D 87 -13.68 19.25 -35.05
N THR D 88 -13.90 17.94 -35.15
CA THR D 88 -14.92 17.26 -34.35
C THR D 88 -14.35 15.95 -33.84
N VAL D 89 -14.27 15.82 -32.53
CA VAL D 89 -13.98 14.53 -31.90
C VAL D 89 -15.28 14.06 -31.25
N SER D 90 -15.59 12.78 -31.41
CA SER D 90 -16.84 12.27 -30.89
C SER D 90 -16.62 10.87 -30.32
N VAL D 91 -17.30 10.60 -29.20
CA VAL D 91 -17.27 9.28 -28.61
C VAL D 91 -17.91 8.30 -29.58
N ILE D 92 -17.19 7.23 -29.90
CA ILE D 92 -17.71 6.28 -30.86
C ILE D 92 -18.83 5.45 -30.25
N ASP D 93 -18.67 5.04 -29.00
CA ASP D 93 -19.64 4.13 -28.37
C ASP D 93 -19.62 4.41 -26.88
N ASP D 94 -20.70 5.01 -26.37
CA ASP D 94 -20.79 5.29 -24.94
C ASP D 94 -20.64 4.03 -24.11
N ASN D 95 -21.01 2.87 -24.67
CA ASN D 95 -20.84 1.61 -23.97
C ASN D 95 -19.38 1.26 -23.72
N ASP D 96 -18.46 1.83 -24.49
CA ASP D 96 -17.04 1.57 -24.34
C ASP D 96 -16.37 2.51 -23.35
N THR D 97 -17.10 3.49 -22.82
CA THR D 97 -16.52 4.47 -21.92
C THR D 97 -16.17 3.83 -20.59
N ILE D 98 -15.01 4.23 -20.04
CA ILE D 98 -14.47 3.67 -18.81
C ILE D 98 -14.51 4.76 -17.75
N VAL D 99 -15.05 4.46 -16.58
CA VAL D 99 -15.13 5.44 -15.50
C VAL D 99 -14.59 4.81 -14.23
N ASP D 100 -13.65 5.50 -13.60
CA ASP D 100 -13.03 5.06 -12.34
C ASP D 100 -13.40 6.11 -11.29
N GLU D 101 -14.41 5.80 -10.47
CA GLU D 101 -14.84 6.77 -9.46
C GLU D 101 -13.75 7.05 -8.44
N ARG D 102 -12.88 6.07 -8.16
CA ARG D 102 -11.90 6.26 -7.09
C ARG D 102 -10.81 7.24 -7.49
N THR D 103 -10.35 7.17 -8.73
CA THR D 103 -9.33 8.08 -9.23
C THR D 103 -9.92 9.23 -10.03
N ARG D 104 -11.25 9.31 -10.14
CA ARG D 104 -11.95 10.36 -10.88
C ARG D 104 -11.48 10.43 -12.34
N LYS D 105 -11.35 9.28 -12.98
CA LYS D 105 -10.85 9.22 -14.35
C LYS D 105 -11.94 8.75 -15.31
N VAL D 106 -11.93 9.33 -16.52
CA VAL D 106 -12.81 8.90 -17.59
C VAL D 106 -11.94 8.63 -18.82
N VAL D 107 -12.25 7.55 -19.55
CA VAL D 107 -11.59 7.20 -20.80
C VAL D 107 -12.64 7.17 -21.90
N PHE D 108 -12.40 7.91 -22.98
CA PHE D 108 -13.18 7.86 -24.20
C PHE D 108 -12.32 7.30 -25.33
N TYR D 109 -12.91 6.49 -26.19
CA TYR D 109 -12.31 6.19 -27.49
C TYR D 109 -13.06 7.02 -28.52
N LEU D 110 -12.34 7.86 -29.24
CA LEU D 110 -12.96 8.92 -30.03
C LEU D 110 -12.61 8.78 -31.50
N ALA D 111 -13.57 9.11 -32.36
CA ALA D 111 -13.29 9.43 -33.76
C ALA D 111 -12.91 10.90 -33.85
N SER D 112 -11.92 11.21 -34.68
CA SER D 112 -11.52 12.59 -34.92
C SER D 112 -11.69 12.89 -36.40
N ARG D 113 -12.28 14.05 -36.69
CA ARG D 113 -12.61 14.43 -38.06
C ARG D 113 -12.27 15.91 -38.22
N GLY D 114 -11.55 16.22 -39.29
CA GLY D 114 -11.07 17.58 -39.44
C GLY D 114 -11.11 18.05 -40.87
N ASP D 115 -11.44 19.33 -41.05
CA ASP D 115 -11.32 20.04 -42.32
C ASP D 115 -10.02 20.83 -42.25
N THR D 116 -9.05 20.52 -43.10
CA THR D 116 -7.74 21.13 -43.00
C THR D 116 -7.33 21.72 -44.34
N ILE D 117 -6.24 22.50 -44.30
CA ILE D 117 -5.72 23.12 -45.52
C ILE D 117 -5.15 22.13 -46.53
N VAL D 118 -4.93 20.87 -46.14
CA VAL D 118 -4.55 19.84 -47.10
C VAL D 118 -5.63 18.77 -47.24
N GLY D 119 -6.88 19.09 -46.92
CA GLY D 119 -7.95 18.14 -47.09
C GLY D 119 -8.40 17.50 -45.79
N GLU D 120 -9.04 16.34 -45.93
CA GLU D 120 -9.73 15.72 -44.81
C GLU D 120 -8.76 15.09 -43.82
N TRP D 121 -9.02 15.31 -42.54
CA TRP D 121 -8.40 14.57 -41.45
C TRP D 121 -9.42 13.56 -40.93
N LYS D 122 -9.00 12.29 -40.81
CA LYS D 122 -9.88 11.28 -40.24
C LYS D 122 -9.03 10.28 -39.46
N SER D 123 -9.28 10.17 -38.17
CA SER D 123 -8.48 9.31 -37.32
C SER D 123 -9.31 8.91 -36.11
N GLU D 124 -8.64 8.29 -35.14
CA GLU D 124 -9.23 7.92 -33.86
C GLU D 124 -8.19 8.15 -32.79
N CYS D 125 -8.66 8.39 -31.57
CA CYS D 125 -7.74 8.64 -30.47
C CYS D 125 -8.38 8.21 -29.17
N ILE D 126 -7.55 8.03 -28.15
CA ILE D 126 -8.01 7.70 -26.82
C ILE D 126 -7.69 8.87 -25.91
N PHE D 127 -8.68 9.36 -25.18
CA PHE D 127 -8.50 10.45 -24.24
C PHE D 127 -8.75 9.94 -22.83
N ILE D 128 -7.85 10.25 -21.92
CA ILE D 128 -8.02 9.94 -20.50
C ILE D 128 -8.07 11.25 -19.73
N PHE D 129 -9.16 11.45 -18.99
CA PHE D 129 -9.35 12.63 -18.15
C PHE D 129 -9.27 12.25 -16.69
N GLN D 130 -8.59 13.07 -15.89
CA GLN D 130 -8.71 12.99 -14.43
C GLN D 130 -9.33 14.29 -13.94
N MET D 131 -10.46 14.18 -13.26
CA MET D 131 -11.22 15.35 -12.85
C MET D 131 -10.71 15.88 -11.52
N SER D 132 -10.97 17.16 -11.29
CA SER D 132 -10.70 17.78 -10.00
C SER D 132 -11.51 17.10 -8.89
N GLU D 133 -11.14 17.41 -7.64
CA GLU D 133 -11.76 16.78 -6.48
C GLU D 133 -13.27 16.93 -6.49
N ASP D 134 -13.76 18.10 -6.89
CA ASP D 134 -15.20 18.34 -6.94
C ASP D 134 -15.82 17.79 -8.22
N GLY D 135 -15.00 17.32 -9.15
CA GLY D 135 -15.50 16.72 -10.37
C GLY D 135 -15.91 17.67 -11.45
N LYS D 136 -15.70 18.97 -11.27
CA LYS D 136 -16.26 19.93 -12.22
C LYS D 136 -15.28 20.36 -13.31
N LEU D 137 -13.98 20.15 -13.13
CA LEU D 137 -12.99 20.52 -14.12
C LEU D 137 -12.06 19.34 -14.42
N VAL D 138 -11.35 19.46 -15.54
CA VAL D 138 -10.33 18.48 -15.92
C VAL D 138 -9.01 18.92 -15.32
N ASP D 139 -8.46 18.10 -14.43
CA ASP D 139 -7.18 18.40 -13.79
C ASP D 139 -5.99 17.85 -14.55
N ARG D 140 -6.17 16.76 -15.30
CA ARG D 140 -5.09 16.14 -16.04
C ARG D 140 -5.69 15.41 -17.23
N ILE D 141 -4.96 15.41 -18.36
CA ILE D 141 -5.38 14.80 -19.61
C ILE D 141 -4.24 13.96 -20.17
N TRP D 142 -4.57 12.77 -20.68
CA TRP D 142 -3.63 12.00 -21.48
C TRP D 142 -4.28 11.68 -22.80
N ALA D 143 -3.56 11.89 -23.90
CA ALA D 143 -4.11 11.67 -25.23
C ALA D 143 -3.24 10.68 -25.99
N GLY D 144 -3.85 9.62 -26.49
CA GLY D 144 -3.17 8.68 -27.38
C GLY D 144 -3.66 8.83 -28.80
N PHE D 145 -2.81 9.31 -29.69
CA PHE D 145 -3.12 9.48 -31.10
C PHE D 145 -2.48 8.37 -31.91
N ASP D 146 -2.97 8.24 -33.16
CA ASP D 146 -2.42 7.32 -34.16
C ASP D 146 -1.19 8.00 -34.73
N THR D 147 -0.01 7.64 -34.22
CA THR D 147 1.17 8.42 -34.55
C THR D 147 1.61 8.21 -35.99
N ALA D 148 1.37 7.02 -36.56
CA ALA D 148 1.65 6.82 -37.98
C ALA D 148 0.80 7.74 -38.83
N TYR D 149 -0.47 7.91 -38.48
CA TYR D 149 -1.33 8.79 -39.25
C TYR D 149 -0.89 10.24 -39.12
N MET D 150 -0.46 10.64 -37.91
CA MET D 150 0.12 11.98 -37.74
C MET D 150 1.31 12.19 -38.66
N ASP D 151 2.16 11.17 -38.81
CA ASP D 151 3.28 11.28 -39.76
C ASP D 151 2.79 11.39 -41.19
N GLU D 152 1.76 10.61 -41.55
CA GLU D 152 1.20 10.70 -42.89
C GLU D 152 0.64 12.10 -43.16
N PHE D 153 -0.01 12.68 -42.14
CA PHE D 153 -0.61 14.00 -42.30
C PHE D 153 0.47 15.08 -42.45
N GLU D 154 1.50 15.04 -41.60
CA GLU D 154 2.61 15.97 -41.76
C GLU D 154 3.26 15.82 -43.15
N SER D 155 3.34 14.59 -43.68
CA SER D 155 3.83 14.44 -45.04
C SER D 155 2.92 15.16 -46.03
N ARG D 156 1.60 15.13 -45.80
CA ARG D 156 0.69 15.88 -46.66
C ARG D 156 0.93 17.38 -46.54
N LEU D 157 1.11 17.87 -45.31
CA LEU D 157 1.40 19.28 -45.10
C LEU D 157 2.69 19.68 -45.81
N ASP D 158 3.72 18.83 -45.71
CA ASP D 158 4.99 19.17 -46.32
C ASP D 158 4.95 19.10 -47.83
N GLY D 159 3.84 18.66 -48.42
CA GLY D 159 3.70 18.62 -49.86
C GLY D 159 2.98 19.82 -50.46
N ILE D 160 2.64 20.83 -49.66
CA ILE D 160 1.93 22.00 -50.17
C ILE D 160 2.78 22.65 -51.26
N THR D 161 2.19 22.82 -52.45
CA THR D 161 2.91 23.32 -53.62
C THR D 161 2.07 24.39 -54.32
N PHE D 162 2.67 25.55 -54.56
CA PHE D 162 1.98 26.63 -55.28
C PHE D 162 2.12 26.51 -56.80
N PRO E 23 -7.83 27.76 9.58
CA PRO E 23 -7.73 26.38 9.10
C PRO E 23 -9.10 25.74 8.90
N THR E 24 -9.26 24.96 7.84
CA THR E 24 -10.54 24.29 7.63
C THR E 24 -10.65 23.05 8.52
N ARG E 25 -11.83 22.44 8.49
CA ARG E 25 -11.99 21.15 9.14
C ARG E 25 -11.02 20.12 8.54
N GLU E 26 -10.83 20.17 7.23
CA GLU E 26 -9.95 19.22 6.56
C GLU E 26 -8.49 19.45 6.95
N ASP E 27 -8.09 20.72 7.09
CA ASP E 27 -6.72 21.03 7.50
C ASP E 27 -6.43 20.47 8.89
N LEU E 28 -7.38 20.62 9.82
CA LEU E 28 -7.17 20.16 11.19
C LEU E 28 -7.04 18.64 11.25
N VAL E 29 -7.91 17.93 10.55
CA VAL E 29 -7.84 16.46 10.53
C VAL E 29 -6.53 16.01 9.89
N ALA E 30 -6.12 16.69 8.82
CA ALA E 30 -4.86 16.36 8.17
C ALA E 30 -3.69 16.44 9.15
N THR E 31 -3.57 17.57 9.86
CA THR E 31 -2.46 17.73 10.80
C THR E 31 -2.51 16.68 11.90
N ALA E 32 -3.71 16.34 12.37
CA ALA E 32 -3.84 15.30 13.39
C ALA E 32 -3.40 13.95 12.84
N LYS E 33 -3.83 13.61 11.62
CA LYS E 33 -3.38 12.38 10.97
C LYS E 33 -1.86 12.34 10.83
N LEU E 34 -1.26 13.49 10.50
CA LEU E 34 0.19 13.56 10.36
C LEU E 34 0.87 13.23 11.69
N PHE E 35 0.37 13.82 12.78
CA PHE E 35 0.84 13.47 14.10
C PHE E 35 0.78 11.96 14.31
N ILE E 36 -0.35 11.35 13.95
CA ILE E 36 -0.52 9.92 14.15
C ILE E 36 0.51 9.13 13.36
N ALA E 37 0.66 9.46 12.06
CA ALA E 37 1.64 8.75 11.24
C ALA E 37 3.04 8.86 11.83
N LYS E 38 3.45 10.08 12.20
CA LYS E 38 4.75 10.26 12.83
C LYS E 38 4.81 9.52 14.16
N TYR E 39 3.69 9.45 14.88
CA TYR E 39 3.65 8.71 16.13
C TYR E 39 4.01 7.25 15.90
N ASN E 40 3.41 6.64 14.87
CA ASN E 40 3.68 5.24 14.57
C ASN E 40 5.13 4.99 14.21
N GLU E 41 5.84 6.03 13.74
CA GLU E 41 7.27 5.88 13.54
C GLU E 41 7.99 5.72 14.87
N PHE E 42 7.46 6.32 15.93
CA PHE E 42 7.81 6.02 17.31
C PHE E 42 9.32 6.14 17.56
N THR E 43 9.83 7.33 17.28
CA THR E 43 11.17 7.72 17.69
C THR E 43 11.08 9.03 18.44
N PRO E 44 12.06 9.31 19.34
CA PRO E 44 12.02 10.58 20.07
C PRO E 44 11.92 11.82 19.19
N GLU E 45 12.60 11.81 18.04
CA GLU E 45 12.49 12.91 17.10
C GLU E 45 11.11 12.95 16.45
N SER E 46 10.59 11.78 16.05
CA SER E 46 9.36 11.76 15.27
C SER E 46 8.15 12.22 16.08
N ILE E 47 8.10 11.86 17.37
CA ILE E 47 6.90 12.14 18.17
C ILE E 47 6.73 13.61 18.53
N ILE E 48 7.76 14.44 18.32
CA ILE E 48 7.67 15.88 18.57
C ILE E 48 7.74 16.70 17.29
N SER E 49 7.75 16.05 16.13
CA SER E 49 8.00 16.75 14.87
C SER E 49 6.79 17.48 14.33
N VAL E 50 5.59 17.12 14.76
CA VAL E 50 4.36 17.83 14.40
C VAL E 50 3.85 18.64 15.59
N ARG E 51 4.74 19.02 16.49
CA ARG E 51 4.38 19.73 17.71
C ARG E 51 5.11 21.06 17.75
N THR E 52 4.44 22.06 18.31
CA THR E 52 5.04 23.37 18.45
C THR E 52 6.09 23.36 19.56
N PRO E 53 7.07 24.26 19.49
CA PRO E 53 8.13 24.28 20.52
C PRO E 53 7.64 24.33 21.96
N ASN E 54 6.56 25.04 22.25
CA ASN E 54 6.11 25.19 23.63
C ASN E 54 4.88 24.34 23.96
N SER E 55 4.49 23.45 23.06
CA SER E 55 3.34 22.57 23.31
C SER E 55 3.57 21.70 24.54
N VAL E 56 2.46 21.36 25.20
CA VAL E 56 2.50 20.41 26.31
C VAL E 56 1.51 19.28 26.02
N SER E 57 1.84 18.10 26.51
CA SER E 57 1.01 16.92 26.40
C SER E 57 0.49 16.54 27.78
N HIS E 58 -0.82 16.35 27.90
CA HIS E 58 -1.47 16.01 29.16
C HIS E 58 -1.98 14.57 29.09
N ARG E 59 -1.75 13.81 30.16
CA ARG E 59 -2.39 12.51 30.34
C ARG E 59 -3.60 12.71 31.25
N LEU E 60 -4.78 12.41 30.71
CA LEU E 60 -6.03 12.52 31.45
C LEU E 60 -6.11 11.46 32.56
N PHE E 61 -7.07 11.70 33.50
CA PHE E 61 -7.49 10.83 34.59
C PHE E 61 -6.52 10.91 35.77
N PRO E 62 -7.04 11.05 37.00
CA PRO E 62 -6.14 11.25 38.15
C PRO E 62 -5.06 10.19 38.33
N THR E 63 -5.35 8.90 38.09
CA THR E 63 -4.35 7.88 38.41
C THR E 63 -3.13 7.96 37.49
N ARG E 64 -3.23 8.61 36.34
CA ARG E 64 -2.06 8.73 35.47
C ARG E 64 -1.79 10.18 35.08
N ASN E 65 -2.24 11.12 35.89
CA ASN E 65 -2.11 12.53 35.56
C ASN E 65 -0.64 12.91 35.37
N ALA E 66 -0.35 13.60 34.27
CA ALA E 66 0.99 14.05 33.98
C ALA E 66 0.92 15.08 32.88
N THR E 67 1.97 15.88 32.79
CA THR E 67 2.08 16.91 31.77
C THR E 67 3.54 16.94 31.31
N ARG E 68 3.76 16.87 30.01
CA ARG E 68 5.10 16.76 29.46
C ARG E 68 5.30 17.80 28.36
N ASN E 69 6.34 18.61 28.51
CA ASN E 69 6.76 19.52 27.44
C ASN E 69 7.45 18.73 26.34
N ILE E 70 8.10 19.44 25.43
CA ILE E 70 8.68 18.78 24.25
C ILE E 70 9.83 17.87 24.64
N GLY E 71 10.64 18.28 25.61
CA GLY E 71 11.82 17.50 25.98
C GLY E 71 11.46 16.31 26.85
N GLU E 72 10.60 16.54 27.83
CA GLU E 72 10.07 15.44 28.64
C GLU E 72 9.41 14.39 27.76
N SER E 73 8.75 14.82 26.67
CA SER E 73 8.15 13.88 25.75
C SER E 73 9.20 13.03 25.04
N MET E 74 10.31 13.64 24.65
CA MET E 74 11.39 12.88 24.02
C MET E 74 11.97 11.85 24.97
N GLU E 75 12.18 12.24 26.23
CA GLU E 75 12.70 11.30 27.22
C GLU E 75 11.73 10.15 27.46
N ALA E 76 10.44 10.46 27.59
CA ALA E 76 9.46 9.42 27.83
C ALA E 76 9.38 8.46 26.64
N CYS E 77 9.56 8.98 25.42
CA CYS E 77 9.55 8.09 24.26
C CYS E 77 10.75 7.15 24.29
N ALA E 78 11.94 7.71 24.57
CA ALA E 78 13.16 6.89 24.65
C ALA E 78 13.02 5.79 25.68
N ASN E 79 12.48 6.13 26.85
CA ASN E 79 12.29 5.12 27.89
C ASN E 79 11.26 4.07 27.47
N ALA E 80 10.22 4.48 26.75
CA ALA E 80 9.20 3.53 26.33
C ALA E 80 9.74 2.56 25.27
N LYS E 81 10.70 3.01 24.46
CA LYS E 81 11.27 2.13 23.45
C LYS E 81 12.07 0.99 24.07
N GLU E 82 12.45 1.12 25.33
CA GLU E 82 13.10 0.01 26.04
C GLU E 82 12.16 -1.16 26.26
N VAL E 83 10.85 -0.92 26.25
CA VAL E 83 9.86 -1.95 26.52
C VAL E 83 9.09 -2.33 25.27
N PHE E 84 8.73 -1.35 24.43
CA PHE E 84 7.94 -1.62 23.23
C PHE E 84 8.88 -1.93 22.07
N LYS E 85 8.74 -3.12 21.50
CA LYS E 85 9.51 -3.46 20.30
C LYS E 85 8.87 -2.88 19.05
N SER E 86 7.53 -2.91 18.98
CA SER E 86 6.76 -2.29 17.92
C SER E 86 5.56 -1.58 18.55
N LEU E 87 5.01 -0.62 17.82
CA LEU E 87 3.83 0.10 18.28
C LEU E 87 3.03 0.58 17.08
N THR E 88 1.72 0.32 17.10
CA THR E 88 0.79 0.78 16.07
C THR E 88 -0.39 1.44 16.77
N VAL E 89 -0.67 2.70 16.42
CA VAL E 89 -1.87 3.40 16.88
C VAL E 89 -2.66 3.80 15.64
N SER E 90 -3.93 3.42 15.59
CA SER E 90 -4.73 3.69 14.41
C SER E 90 -6.13 4.15 14.78
N VAL E 91 -6.66 5.08 13.99
CA VAL E 91 -8.05 5.48 14.13
C VAL E 91 -8.94 4.29 13.86
N ILE E 92 -9.85 4.01 14.79
CA ILE E 92 -10.74 2.87 14.62
C ILE E 92 -11.86 3.17 13.62
N ASP E 93 -12.41 4.37 13.65
CA ASP E 93 -13.53 4.70 12.76
C ASP E 93 -13.50 6.19 12.49
N ASP E 94 -13.26 6.55 11.23
CA ASP E 94 -13.24 7.97 10.87
C ASP E 94 -14.58 8.63 11.12
N ASN E 95 -15.68 7.85 11.11
CA ASN E 95 -16.99 8.43 11.41
C ASN E 95 -17.08 8.96 12.83
N ASP E 96 -16.26 8.46 13.75
CA ASP E 96 -16.35 8.88 15.13
C ASP E 96 -15.45 10.07 15.45
N THR E 97 -14.62 10.49 14.51
CA THR E 97 -13.72 11.62 14.76
C THR E 97 -14.52 12.91 14.97
N ILE E 98 -14.08 13.71 15.94
CA ILE E 98 -14.74 14.95 16.33
C ILE E 98 -13.80 16.09 15.97
N VAL E 99 -14.35 17.15 15.35
CA VAL E 99 -13.57 18.30 14.94
C VAL E 99 -14.27 19.59 15.37
N ASP E 100 -13.53 20.44 16.08
CA ASP E 100 -14.06 21.73 16.54
C ASP E 100 -13.27 22.81 15.80
N GLU E 101 -13.86 23.32 14.71
CA GLU E 101 -13.17 24.32 13.91
C GLU E 101 -12.84 25.57 14.72
N ARG E 102 -13.67 25.90 15.71
CA ARG E 102 -13.50 27.15 16.44
C ARG E 102 -12.30 27.10 17.39
N THR E 103 -12.12 25.98 18.09
CA THR E 103 -11.00 25.83 19.01
C THR E 103 -9.83 25.08 18.40
N ARG E 104 -9.95 24.67 17.13
CA ARG E 104 -8.89 23.98 16.39
C ARG E 104 -8.55 22.64 17.03
N LYS E 105 -9.58 21.88 17.38
CA LYS E 105 -9.44 20.63 18.13
C LYS E 105 -9.97 19.45 17.33
N VAL E 106 -9.27 18.32 17.43
CA VAL E 106 -9.65 17.07 16.79
C VAL E 106 -9.59 15.97 17.85
N VAL E 107 -10.57 15.07 17.85
CA VAL E 107 -10.62 13.95 18.78
C VAL E 107 -10.65 12.65 17.98
N PHE E 108 -9.68 11.77 18.25
CA PHE E 108 -9.59 10.41 17.71
C PHE E 108 -9.81 9.40 18.82
N TYR E 109 -10.56 8.33 18.54
CA TYR E 109 -10.55 7.13 19.37
C TYR E 109 -9.69 6.10 18.64
N LEU E 110 -8.62 5.65 19.29
CA LEU E 110 -7.54 4.94 18.61
C LEU E 110 -7.38 3.54 19.18
N ALA E 111 -6.98 2.61 18.30
CA ALA E 111 -6.48 1.32 18.73
C ALA E 111 -4.98 1.42 18.95
N SER E 112 -4.49 0.81 20.04
CA SER E 112 -3.04 0.74 20.27
C SER E 112 -2.64 -0.72 20.33
N ARG E 113 -1.54 -1.04 19.64
CA ARG E 113 -1.10 -2.42 19.50
C ARG E 113 0.43 -2.42 19.49
N GLY E 114 1.02 -3.36 20.21
CA GLY E 114 2.46 -3.42 20.28
C GLY E 114 2.96 -4.76 20.73
N ASP E 115 4.16 -5.11 20.29
CA ASP E 115 4.89 -6.24 20.84
C ASP E 115 5.93 -5.69 21.81
N THR E 116 5.95 -6.23 23.03
CA THR E 116 6.81 -5.68 24.05
C THR E 116 7.68 -6.80 24.62
N ILE E 117 8.60 -6.40 25.51
CA ILE E 117 9.48 -7.37 26.14
C ILE E 117 8.74 -8.31 27.08
N VAL E 118 7.46 -8.05 27.38
CA VAL E 118 6.68 -8.96 28.20
C VAL E 118 5.42 -9.37 27.47
N GLY E 119 5.47 -9.35 26.15
CA GLY E 119 4.41 -9.87 25.33
C GLY E 119 3.56 -8.79 24.69
N GLU E 120 2.32 -9.17 24.40
CA GLU E 120 1.46 -8.33 23.58
C GLU E 120 0.93 -7.14 24.37
N TRP E 121 0.99 -5.96 23.76
CA TRP E 121 0.24 -4.80 24.22
C TRP E 121 -0.97 -4.62 23.30
N LYS E 122 -2.16 -4.49 23.89
CA LYS E 122 -3.36 -4.31 23.10
C LYS E 122 -4.36 -3.53 23.93
N SER E 123 -4.70 -2.32 23.48
CA SER E 123 -5.56 -1.44 24.25
C SER E 123 -6.24 -0.45 23.29
N GLU E 124 -6.92 0.54 23.86
CA GLU E 124 -7.47 1.66 23.09
C GLU E 124 -7.24 2.94 23.87
N CYS E 125 -7.33 4.08 23.17
CA CYS E 125 -7.11 5.36 23.83
C CYS E 125 -7.82 6.46 23.07
N ILE E 126 -8.10 7.56 23.78
CA ILE E 126 -8.69 8.73 23.18
C ILE E 126 -7.65 9.84 23.17
N PHE E 127 -7.42 10.45 22.01
CA PHE E 127 -6.45 11.53 21.85
C PHE E 127 -7.18 12.79 21.41
N ILE E 128 -6.83 13.91 22.02
CA ILE E 128 -7.37 15.22 21.66
C ILE E 128 -6.21 16.14 21.31
N PHE E 129 -6.27 16.74 20.13
CA PHE E 129 -5.24 17.65 19.65
C PHE E 129 -5.82 19.03 19.52
N GLN E 130 -5.10 20.04 20.00
CA GLN E 130 -5.39 21.43 19.66
C GLN E 130 -4.30 21.95 18.76
N MET E 131 -4.67 22.35 17.54
CA MET E 131 -3.69 22.78 16.56
C MET E 131 -3.26 24.22 16.83
N SER E 132 -2.11 24.57 16.26
CA SER E 132 -1.66 25.95 16.24
C SER E 132 -2.63 26.80 15.41
N GLU E 133 -2.47 28.13 15.53
CA GLU E 133 -3.42 29.02 14.87
C GLU E 133 -3.46 28.81 13.36
N ASP E 134 -2.33 28.43 12.75
CA ASP E 134 -2.32 28.13 11.32
C ASP E 134 -2.76 26.70 11.00
N GLY E 135 -3.05 25.90 12.02
CA GLY E 135 -3.56 24.56 11.80
C GLY E 135 -2.55 23.54 11.32
N LYS E 136 -1.26 23.89 11.31
CA LYS E 136 -0.25 23.04 10.72
C LYS E 136 0.57 22.26 11.75
N LEU E 137 0.55 22.67 13.02
CA LEU E 137 1.25 21.98 14.08
C LEU E 137 0.29 21.70 15.23
N VAL E 138 0.65 20.71 16.05
CA VAL E 138 -0.11 20.37 17.25
C VAL E 138 0.41 21.22 18.40
N ASP E 139 -0.46 22.06 18.95
CA ASP E 139 -0.04 22.94 20.04
C ASP E 139 -0.37 22.39 21.42
N ARG E 140 -1.30 21.43 21.51
CA ARG E 140 -1.66 20.86 22.80
C ARG E 140 -2.22 19.46 22.56
N ILE E 141 -1.90 18.53 23.47
CA ILE E 141 -2.41 17.17 23.39
C ILE E 141 -2.99 16.78 24.74
N TRP E 142 -4.10 16.04 24.72
CA TRP E 142 -4.65 15.35 25.88
C TRP E 142 -4.84 13.89 25.48
N ALA E 143 -4.34 12.97 26.30
CA ALA E 143 -4.44 11.55 26.00
C ALA E 143 -5.16 10.83 27.13
N GLY E 144 -6.19 10.07 26.78
CA GLY E 144 -6.90 9.28 27.76
C GLY E 144 -6.69 7.80 27.50
N PHE E 145 -6.00 7.14 28.42
CA PHE E 145 -5.65 5.74 28.30
C PHE E 145 -6.52 4.88 29.21
N ASP E 146 -6.53 3.57 28.94
CA ASP E 146 -7.16 2.57 29.78
C ASP E 146 -6.21 2.35 30.95
N THR E 147 -6.46 3.03 32.08
CA THR E 147 -5.45 3.06 33.13
C THR E 147 -5.35 1.73 33.86
N ALA E 148 -6.45 0.97 33.95
CA ALA E 148 -6.38 -0.36 34.53
C ALA E 148 -5.46 -1.26 33.72
N TYR E 149 -5.53 -1.11 32.38
CA TYR E 149 -4.66 -1.90 31.53
C TYR E 149 -3.19 -1.50 31.72
N MET E 150 -2.92 -0.19 31.84
CA MET E 150 -1.55 0.25 32.15
C MET E 150 -1.05 -0.39 33.44
N ASP E 151 -1.90 -0.43 34.48
CA ASP E 151 -1.56 -1.12 35.71
C ASP E 151 -1.22 -2.60 35.47
N GLU E 152 -2.11 -3.31 34.76
CA GLU E 152 -1.88 -4.72 34.47
C GLU E 152 -0.59 -4.91 33.70
N PHE E 153 -0.26 -3.98 32.81
CA PHE E 153 0.96 -4.11 32.01
C PHE E 153 2.19 -3.89 32.88
N GLU E 154 2.18 -2.87 33.74
CA GLU E 154 3.30 -2.64 34.65
C GLU E 154 3.50 -3.81 35.60
N SER E 155 2.41 -4.50 35.97
CA SER E 155 2.55 -5.71 36.76
C SER E 155 3.28 -6.81 35.97
N ARG E 156 3.04 -6.89 34.67
CA ARG E 156 3.78 -7.82 33.83
C ARG E 156 5.26 -7.48 33.81
N LEU E 157 5.59 -6.20 33.66
CA LEU E 157 6.99 -5.78 33.72
C LEU E 157 7.63 -6.16 35.05
N ASP E 158 6.92 -5.92 36.16
CA ASP E 158 7.40 -6.30 37.48
C ASP E 158 7.64 -7.80 37.61
N GLY E 159 7.13 -8.61 36.69
CA GLY E 159 7.32 -10.04 36.73
C GLY E 159 8.55 -10.54 36.01
N ILE E 160 9.47 -9.66 35.64
CA ILE E 160 10.71 -10.08 34.99
C ILE E 160 11.67 -10.57 36.07
N THR E 161 12.19 -11.77 35.90
CA THR E 161 13.19 -12.33 36.80
C THR E 161 14.28 -13.03 36.00
N PHE E 162 15.40 -13.29 36.68
CA PHE E 162 16.51 -14.03 36.09
C PHE E 162 16.80 -15.29 36.91
N PRO F 23 -28.58 23.51 14.98
CA PRO F 23 -28.18 23.96 16.33
C PRO F 23 -26.81 24.63 16.33
N THR F 24 -26.67 25.76 17.02
CA THR F 24 -25.34 26.34 17.19
C THR F 24 -24.60 25.61 18.31
N ARG F 25 -23.31 25.94 18.47
CA ARG F 25 -22.55 25.31 19.53
C ARG F 25 -23.09 25.70 20.91
N GLU F 26 -23.73 26.87 21.02
CA GLU F 26 -24.34 27.20 22.31
C GLU F 26 -25.56 26.33 22.59
N ASP F 27 -26.34 26.03 21.54
CA ASP F 27 -27.50 25.14 21.69
C ASP F 27 -27.06 23.72 22.09
N LEU F 28 -26.03 23.19 21.44
CA LEU F 28 -25.56 21.85 21.74
C LEU F 28 -25.05 21.75 23.17
N VAL F 29 -24.25 22.72 23.59
CA VAL F 29 -23.75 22.74 24.95
C VAL F 29 -24.90 22.80 25.95
N ALA F 30 -25.93 23.61 25.66
CA ALA F 30 -27.04 23.75 26.60
C ALA F 30 -27.73 22.41 26.84
N THR F 31 -27.98 21.64 25.78
CA THR F 31 -28.57 20.32 25.94
C THR F 31 -27.64 19.40 26.73
N ALA F 32 -26.36 19.40 26.39
CA ALA F 32 -25.43 18.57 27.14
C ALA F 32 -25.42 18.93 28.61
N LYS F 33 -25.50 20.24 28.93
CA LYS F 33 -25.53 20.62 30.34
C LYS F 33 -26.86 20.26 30.98
N LEU F 34 -27.94 20.21 30.20
CA LEU F 34 -29.21 19.73 30.73
C LEU F 34 -29.14 18.24 31.04
N PHE F 35 -28.52 17.45 30.15
CA PHE F 35 -28.25 16.06 30.47
C PHE F 35 -27.51 15.93 31.79
N ILE F 36 -26.45 16.74 31.95
CA ILE F 36 -25.64 16.69 33.17
C ILE F 36 -26.50 17.01 34.39
N ALA F 37 -27.37 18.03 34.27
CA ALA F 37 -28.22 18.39 35.40
C ALA F 37 -29.15 17.25 35.77
N LYS F 38 -29.84 16.67 34.78
CA LYS F 38 -30.69 15.52 35.05
C LYS F 38 -29.86 14.34 35.54
N TYR F 39 -28.71 14.11 34.92
CA TYR F 39 -27.83 13.02 35.35
C TYR F 39 -27.50 13.15 36.84
N ASN F 40 -27.26 14.36 37.31
CA ASN F 40 -26.91 14.59 38.71
C ASN F 40 -28.07 14.32 39.66
N GLU F 41 -29.32 14.33 39.18
CA GLU F 41 -30.41 13.88 40.04
C GLU F 41 -30.28 12.39 40.35
N PHE F 42 -29.64 11.63 39.47
CA PHE F 42 -29.18 10.27 39.80
C PHE F 42 -30.33 9.35 40.17
N THR F 43 -31.33 9.29 39.30
CA THR F 43 -32.38 8.29 39.37
C THR F 43 -32.48 7.61 38.02
N PRO F 44 -32.94 6.36 37.98
CA PRO F 44 -33.08 5.69 36.67
C PRO F 44 -33.90 6.48 35.65
N GLU F 45 -34.86 7.30 36.08
CA GLU F 45 -35.59 8.11 35.11
C GLU F 45 -34.82 9.36 34.70
N SER F 46 -34.15 10.01 35.63
CA SER F 46 -33.46 11.26 35.29
C SER F 46 -32.31 11.00 34.33
N ILE F 47 -31.58 9.89 34.49
CA ILE F 47 -30.40 9.69 33.66
C ILE F 47 -30.75 9.38 32.21
N ILE F 48 -32.01 9.08 31.89
CA ILE F 48 -32.39 8.89 30.50
C ILE F 48 -33.36 9.95 30.01
N SER F 49 -33.73 10.92 30.85
CA SER F 49 -34.78 11.85 30.45
C SER F 49 -34.35 12.84 29.35
N VAL F 50 -33.06 12.92 29.05
CA VAL F 50 -32.60 13.81 27.97
C VAL F 50 -32.06 12.97 26.82
N ARG F 51 -32.54 11.74 26.69
CA ARG F 51 -32.03 10.78 25.72
C ARG F 51 -33.13 10.35 24.76
N THR F 52 -32.78 10.24 23.48
CA THR F 52 -33.71 9.77 22.47
C THR F 52 -34.07 8.30 22.71
N PRO F 53 -35.30 7.89 22.39
CA PRO F 53 -35.76 6.55 22.78
C PRO F 53 -34.86 5.42 22.29
N ASN F 54 -34.18 5.56 21.16
CA ASN F 54 -33.27 4.53 20.67
C ASN F 54 -31.82 4.88 20.92
N SER F 55 -31.54 5.83 21.82
CA SER F 55 -30.18 6.22 22.10
C SER F 55 -29.42 5.08 22.75
N VAL F 56 -28.11 5.07 22.55
CA VAL F 56 -27.27 4.07 23.16
C VAL F 56 -26.10 4.76 23.84
N SER F 57 -25.58 4.12 24.89
CA SER F 57 -24.52 4.68 25.71
C SER F 57 -23.35 3.71 25.73
N HIS F 58 -22.17 4.17 25.34
CA HIS F 58 -20.98 3.35 25.26
C HIS F 58 -20.02 3.69 26.39
N ARG F 59 -19.49 2.67 27.06
CA ARG F 59 -18.39 2.86 27.99
C ARG F 59 -17.09 2.55 27.26
N LEU F 60 -16.19 3.52 27.21
CA LEU F 60 -14.93 3.37 26.49
C LEU F 60 -13.98 2.44 27.24
N PHE F 61 -12.93 2.00 26.53
CA PHE F 61 -11.75 1.23 26.97
C PHE F 61 -12.07 -0.25 27.10
N PRO F 62 -11.16 -1.11 26.64
CA PRO F 62 -11.45 -2.57 26.66
C PRO F 62 -11.74 -3.13 28.05
N THR F 63 -11.10 -2.64 29.11
CA THR F 63 -11.33 -3.29 30.40
C THR F 63 -12.72 -3.03 30.94
N ARG F 64 -13.42 -2.02 30.42
CA ARG F 64 -14.77 -1.70 30.90
C ARG F 64 -15.74 -1.50 29.73
N ASN F 65 -15.39 -2.05 28.56
CA ASN F 65 -16.22 -1.90 27.38
C ASN F 65 -17.64 -2.38 27.64
N ALA F 66 -18.62 -1.60 27.21
CA ALA F 66 -20.04 -1.85 27.45
C ALA F 66 -20.86 -0.94 26.56
N THR F 67 -22.06 -1.40 26.22
CA THR F 67 -23.00 -0.65 25.40
C THR F 67 -24.40 -0.87 25.93
N ARG F 68 -25.08 0.23 26.31
CA ARG F 68 -26.36 0.13 26.99
C ARG F 68 -27.41 0.97 26.27
N ASN F 69 -28.56 0.37 26.01
CA ASN F 69 -29.71 1.11 25.50
C ASN F 69 -30.41 1.77 26.69
N ILE F 70 -31.56 2.39 26.43
CA ILE F 70 -32.26 3.13 27.47
C ILE F 70 -32.57 2.23 28.67
N GLY F 71 -33.23 1.10 28.42
CA GLY F 71 -33.61 0.23 29.52
C GLY F 71 -32.41 -0.28 30.32
N GLU F 72 -31.35 -0.68 29.62
CA GLU F 72 -30.16 -1.17 30.31
C GLU F 72 -29.50 -0.10 31.16
N SER F 73 -29.59 1.17 30.74
CA SER F 73 -29.02 2.25 31.54
C SER F 73 -29.79 2.44 32.83
N MET F 74 -31.12 2.40 32.78
CA MET F 74 -31.91 2.48 34.00
C MET F 74 -31.53 1.36 34.97
N GLU F 75 -31.41 0.14 34.45
CA GLU F 75 -31.06 -1.00 35.31
C GLU F 75 -29.68 -0.83 35.91
N ALA F 76 -28.70 -0.40 35.11
CA ALA F 76 -27.36 -0.17 35.64
C ALA F 76 -27.36 0.98 36.65
N CYS F 77 -28.18 2.01 36.43
CA CYS F 77 -28.28 3.09 37.40
C CYS F 77 -28.83 2.57 38.72
N ALA F 78 -29.90 1.78 38.67
CA ALA F 78 -30.51 1.30 39.91
C ALA F 78 -29.57 0.36 40.64
N ASN F 79 -28.80 -0.45 39.91
CA ASN F 79 -27.78 -1.27 40.54
C ASN F 79 -26.69 -0.43 41.17
N ALA F 80 -26.27 0.64 40.48
CA ALA F 80 -25.23 1.51 41.04
C ALA F 80 -25.71 2.23 42.29
N LYS F 81 -27.01 2.55 42.36
CA LYS F 81 -27.52 3.24 43.53
C LYS F 81 -27.52 2.37 44.78
N GLU F 82 -27.34 1.05 44.63
CA GLU F 82 -27.15 0.22 45.81
C GLU F 82 -25.81 0.51 46.49
N VAL F 83 -24.84 1.03 45.76
CA VAL F 83 -23.54 1.38 46.33
C VAL F 83 -23.37 2.89 46.47
N PHE F 84 -23.81 3.65 45.47
CA PHE F 84 -23.68 5.11 45.50
C PHE F 84 -24.93 5.71 46.16
N LYS F 85 -24.74 6.42 47.27
CA LYS F 85 -25.85 7.16 47.85
C LYS F 85 -26.09 8.47 47.13
N SER F 86 -25.02 9.09 46.62
CA SER F 86 -25.10 10.30 45.82
C SER F 86 -24.04 10.23 44.74
N LEU F 87 -24.28 10.96 43.65
CA LEU F 87 -23.30 11.04 42.57
C LEU F 87 -23.53 12.33 41.81
N THR F 88 -22.47 13.10 41.58
CA THR F 88 -22.57 14.27 40.73
C THR F 88 -21.33 14.39 39.85
N VAL F 89 -21.51 14.99 38.69
CA VAL F 89 -20.41 15.37 37.83
C VAL F 89 -20.53 16.85 37.52
N SER F 90 -19.37 17.49 37.30
CA SER F 90 -19.38 18.88 36.89
C SER F 90 -18.30 19.13 35.85
N VAL F 91 -18.59 20.05 34.94
CA VAL F 91 -17.65 20.51 33.92
C VAL F 91 -16.52 21.26 34.63
N ILE F 92 -15.30 20.76 34.50
CA ILE F 92 -14.19 21.35 35.22
C ILE F 92 -13.87 22.74 34.66
N ASP F 93 -13.86 22.88 33.35
CA ASP F 93 -13.42 24.12 32.72
C ASP F 93 -14.15 24.24 31.40
N ASP F 94 -15.08 25.20 31.31
CA ASP F 94 -15.80 25.46 30.07
C ASP F 94 -14.86 25.72 28.91
N ASN F 95 -13.65 26.24 29.19
CA ASN F 95 -12.69 26.55 28.13
C ASN F 95 -12.16 25.32 27.44
N ASP F 96 -12.23 24.16 28.08
CA ASP F 96 -11.78 22.91 27.48
C ASP F 96 -12.88 22.18 26.72
N THR F 97 -14.13 22.59 26.86
CA THR F 97 -15.23 21.91 26.17
C THR F 97 -15.02 21.95 24.67
N ILE F 98 -15.34 20.84 24.00
CA ILE F 98 -15.17 20.70 22.56
C ILE F 98 -16.56 20.59 21.95
N VAL F 99 -16.81 21.35 20.88
CA VAL F 99 -18.09 21.26 20.19
C VAL F 99 -17.84 21.12 18.70
N ASP F 100 -18.49 20.14 18.09
CA ASP F 100 -18.43 19.86 16.67
C ASP F 100 -19.83 20.10 16.12
N GLU F 101 -20.06 21.31 15.60
CA GLU F 101 -21.40 21.64 15.10
C GLU F 101 -21.85 20.70 13.99
N ARG F 102 -20.90 20.17 13.20
CA ARG F 102 -21.29 19.35 12.05
C ARG F 102 -21.83 17.98 12.48
N THR F 103 -21.19 17.34 13.46
CA THR F 103 -21.65 16.05 13.94
C THR F 103 -22.57 16.18 15.16
N ARG F 104 -22.82 17.40 15.63
CA ARG F 104 -23.67 17.66 16.79
C ARG F 104 -23.11 17.00 18.06
N LYS F 105 -21.79 17.11 18.25
CA LYS F 105 -21.13 16.46 19.37
C LYS F 105 -20.53 17.49 20.32
N VAL F 106 -20.60 17.18 21.61
CA VAL F 106 -20.01 17.98 22.67
C VAL F 106 -19.17 17.05 23.54
N VAL F 107 -17.98 17.50 23.92
CA VAL F 107 -17.11 16.74 24.82
C VAL F 107 -16.92 17.55 26.09
N PHE F 108 -17.19 16.93 27.24
CA PHE F 108 -16.93 17.49 28.55
C PHE F 108 -15.85 16.67 29.23
N TYR F 109 -14.92 17.34 29.91
CA TYR F 109 -14.06 16.67 30.87
C TYR F 109 -14.58 17.02 32.26
N LEU F 110 -14.97 16.00 33.03
CA LEU F 110 -15.82 16.17 34.19
C LEU F 110 -15.12 15.71 35.46
N ALA F 111 -15.45 16.38 36.56
CA ALA F 111 -15.11 15.90 37.89
C ALA F 111 -16.29 15.11 38.41
N SER F 112 -16.05 13.91 38.94
CA SER F 112 -17.11 13.11 39.52
C SER F 112 -16.85 12.92 41.00
N ARG F 113 -17.93 12.97 41.78
CA ARG F 113 -17.86 12.82 43.23
C ARG F 113 -19.11 12.07 43.67
N GLY F 114 -18.96 11.27 44.71
CA GLY F 114 -20.09 10.58 45.28
C GLY F 114 -19.82 10.10 46.67
N ASP F 115 -20.89 9.81 47.40
CA ASP F 115 -20.85 9.15 48.68
C ASP F 115 -21.30 7.72 48.50
N THR F 116 -20.49 6.77 48.95
CA THR F 116 -20.78 5.35 48.74
C THR F 116 -20.70 4.61 50.07
N ILE F 117 -21.19 3.36 50.04
CA ILE F 117 -21.16 2.52 51.23
C ILE F 117 -19.74 2.16 51.67
N VAL F 118 -18.73 2.39 50.81
CA VAL F 118 -17.35 2.26 51.25
C VAL F 118 -16.66 3.62 51.22
N GLY F 119 -17.42 4.68 51.37
CA GLY F 119 -16.81 6.00 51.49
C GLY F 119 -16.72 6.80 50.21
N GLU F 120 -15.66 7.59 50.09
CA GLU F 120 -15.56 8.65 49.09
C GLU F 120 -15.32 8.09 47.70
N TRP F 121 -16.10 8.55 46.72
CA TRP F 121 -15.77 8.42 45.31
C TRP F 121 -15.29 9.77 44.79
N LYS F 122 -14.12 9.78 44.14
CA LYS F 122 -13.53 11.01 43.62
C LYS F 122 -12.71 10.67 42.39
N SER F 123 -13.11 11.17 41.24
CA SER F 123 -12.44 10.80 39.99
C SER F 123 -12.75 11.87 38.94
N GLU F 124 -12.32 11.61 37.71
CA GLU F 124 -12.65 12.46 36.57
C GLU F 124 -12.99 11.55 35.40
N CYS F 125 -13.78 12.08 34.47
CA CYS F 125 -14.23 11.27 33.34
C CYS F 125 -14.51 12.19 32.17
N ILE F 126 -14.49 11.59 30.98
CA ILE F 126 -14.75 12.30 29.73
C ILE F 126 -16.06 11.77 29.18
N PHE F 127 -16.99 12.68 28.87
CA PHE F 127 -18.29 12.32 28.32
C PHE F 127 -18.37 12.92 26.93
N ILE F 128 -18.84 12.14 25.98
CA ILE F 128 -19.07 12.62 24.63
C ILE F 128 -20.54 12.43 24.34
N PHE F 129 -21.20 13.49 23.89
CA PHE F 129 -22.61 13.47 23.58
C PHE F 129 -22.79 13.74 22.10
N GLN F 130 -23.63 12.94 21.43
CA GLN F 130 -24.13 13.28 20.10
C GLN F 130 -25.61 13.63 20.22
N MET F 131 -25.97 14.82 19.75
CA MET F 131 -27.33 15.33 19.93
C MET F 131 -28.21 14.95 18.76
N SER F 132 -29.52 14.88 19.01
CA SER F 132 -30.47 14.70 17.94
C SER F 132 -30.37 15.87 16.95
N GLU F 133 -31.02 15.69 15.80
CA GLU F 133 -30.91 16.69 14.73
C GLU F 133 -31.33 18.08 15.20
N ASP F 134 -32.40 18.15 16.00
CA ASP F 134 -32.86 19.46 16.49
C ASP F 134 -32.04 19.97 17.65
N GLY F 135 -31.09 19.19 18.15
CA GLY F 135 -30.22 19.61 19.23
C GLY F 135 -30.81 19.54 20.62
N LYS F 136 -31.99 18.93 20.77
CA LYS F 136 -32.70 18.99 22.04
C LYS F 136 -32.55 17.74 22.90
N LEU F 137 -32.12 16.62 22.32
CA LEU F 137 -31.96 15.39 23.09
C LEU F 137 -30.61 14.78 22.78
N VAL F 138 -30.21 13.82 23.62
CA VAL F 138 -28.96 13.09 23.46
C VAL F 138 -29.26 11.77 22.76
N ASP F 139 -28.66 11.57 21.58
CA ASP F 139 -28.90 10.38 20.79
C ASP F 139 -27.83 9.31 20.99
N ARG F 140 -26.65 9.68 21.48
CA ARG F 140 -25.57 8.75 21.68
C ARG F 140 -24.64 9.34 22.73
N ILE F 141 -24.10 8.49 23.61
CA ILE F 141 -23.18 8.90 24.66
C ILE F 141 -21.96 7.99 24.62
N TRP F 142 -20.79 8.56 24.82
CA TRP F 142 -19.56 7.80 25.05
C TRP F 142 -18.96 8.30 26.36
N ALA F 143 -18.56 7.37 27.23
CA ALA F 143 -18.02 7.75 28.55
C ALA F 143 -16.69 7.05 28.78
N GLY F 144 -15.64 7.84 29.01
CA GLY F 144 -14.34 7.32 29.35
C GLY F 144 -14.08 7.55 30.83
N PHE F 145 -13.99 6.47 31.61
CA PHE F 145 -13.69 6.55 33.03
C PHE F 145 -12.24 6.16 33.30
N ASP F 146 -11.77 6.53 34.50
CA ASP F 146 -10.46 6.13 35.02
C ASP F 146 -10.58 4.67 35.46
N THR F 147 -10.21 3.74 34.59
CA THR F 147 -10.50 2.34 34.87
C THR F 147 -9.65 1.78 36.02
N ALA F 148 -8.43 2.29 36.19
CA ALA F 148 -7.64 1.93 37.37
C ALA F 148 -8.35 2.33 38.66
N TYR F 149 -8.96 3.50 38.67
CA TYR F 149 -9.66 3.93 39.88
C TYR F 149 -10.92 3.11 40.10
N MET F 150 -11.61 2.72 39.02
CA MET F 150 -12.71 1.78 39.17
C MET F 150 -12.24 0.47 39.82
N ASP F 151 -11.09 -0.04 39.39
CA ASP F 151 -10.50 -1.25 40.00
C ASP F 151 -10.25 -1.05 41.50
N GLU F 152 -9.60 0.07 41.85
CA GLU F 152 -9.36 0.37 43.26
C GLU F 152 -10.65 0.52 44.05
N PHE F 153 -11.71 1.07 43.43
CA PHE F 153 -12.97 1.22 44.15
C PHE F 153 -13.62 -0.13 44.40
N GLU F 154 -13.59 -1.02 43.42
CA GLU F 154 -14.13 -2.36 43.64
C GLU F 154 -13.33 -3.12 44.70
N SER F 155 -12.02 -2.88 44.78
CA SER F 155 -11.22 -3.51 45.85
C SER F 155 -11.63 -2.99 47.22
N ARG F 156 -12.01 -1.71 47.32
CA ARG F 156 -12.56 -1.20 48.58
C ARG F 156 -13.87 -1.88 48.93
N LEU F 157 -14.76 -2.03 47.95
CA LEU F 157 -15.97 -2.82 48.16
C LEU F 157 -15.62 -4.24 48.60
N ASP F 158 -14.51 -4.79 48.11
CA ASP F 158 -14.12 -6.14 48.48
C ASP F 158 -13.82 -6.28 49.96
N GLY F 159 -13.61 -5.18 50.67
CA GLY F 159 -13.34 -5.24 52.09
C GLY F 159 -14.51 -4.81 52.95
N ILE F 160 -15.75 -5.10 52.50
CA ILE F 160 -16.92 -4.79 53.30
C ILE F 160 -16.97 -5.71 54.51
N THR F 161 -17.03 -5.11 55.70
CA THR F 161 -17.21 -5.84 56.95
C THR F 161 -18.21 -5.10 57.84
CA CA G . 5.50 -5.43 -44.50
CA CA H . 5.77 -17.32 -39.63
OAI 7X0 I . -1.71 -8.62 -32.01
CAU 7X0 I . -1.65 -9.37 -31.01
OAN 7X0 I . -2.69 -9.93 -30.55
CBB 7X0 I . -0.33 -9.40 -30.11
CBI 7X0 I . 1.03 -8.87 -30.75
CAH 7X0 I . 1.64 -9.88 -31.76
CBA 7X0 I . 0.89 -7.42 -31.34
OAO 7X0 I . -0.06 -7.28 -32.44
CAY 7X0 I . 2.15 -6.89 -31.69
OAL 7X0 I . 2.49 -6.71 -32.88
CBG 7X0 I . 2.93 -6.56 -30.56
CBC 7X0 I . 4.06 -5.49 -30.75
CAC 7X0 I . 3.40 -4.19 -31.17
CAD 7X0 I . 5.22 -5.81 -31.75
CAW 7X0 I . 4.58 -5.25 -29.48
OAJ 7X0 I . 4.51 -4.11 -29.00
CAR 7X0 I . 5.02 -6.31 -28.70
CAS 7X0 I . 3.86 -7.28 -28.43
CBH 7X0 I . 3.31 -7.81 -29.77
CAG 7X0 I . 4.40 -8.70 -30.40
CBE 7X0 I . 1.95 -8.62 -29.51
CAQ 7X0 I . 2.17 -9.80 -28.78
CAV 7X0 I . 1.15 -10.73 -28.55
CAB 7X0 I . 1.60 -11.81 -27.75
CBF 7X0 I . -0.14 -10.69 -29.17
CAF 7X0 I . -0.23 -12.03 -29.95
CAZ 7X0 I . -1.20 -10.79 -28.15
OAM 7X0 I . -1.39 -11.92 -27.64
CBD 7X0 I . -2.17 -9.64 -27.76
CAE 7X0 I . -2.84 -9.84 -26.40
OAP 7X0 I . -3.28 -9.63 -28.71
CAX 7X0 I . -1.67 -8.21 -27.75
OAK 7X0 I . -0.49 -7.94 -27.46
OAT 7X0 I . -2.63 -7.31 -28.08
CAA 7X0 I . -2.51 -6.60 -29.36
CA CA J . 41.21 -22.63 -15.01
OAI 7X0 K . 27.97 -5.82 -8.30
CAU 7X0 K . 26.88 -5.21 -8.29
OAN 7X0 K . 26.57 -4.31 -7.47
CBB 7X0 K . 25.76 -5.58 -9.31
CBI 7X0 K . 26.02 -6.79 -10.29
CAH 7X0 K . 27.15 -6.48 -11.31
CBA 7X0 K . 26.31 -8.10 -9.48
OAO 7X0 K . 27.63 -8.10 -8.83
CAY 7X0 K . 26.16 -9.25 -10.29
OAL 7X0 K . 27.13 -9.98 -10.53
CBG 7X0 K . 24.86 -9.49 -10.80
CBC 7X0 K . 24.51 -10.96 -11.28
CAC 7X0 K . 24.58 -11.87 -10.06
CAD 7X0 K . 25.43 -11.60 -12.36
CAW 7X0 K . 23.17 -10.95 -11.75
OAJ 7X0 K . 22.34 -11.75 -11.29
CAR 7X0 K . 22.77 -10.01 -12.69
CAS 7X0 K . 22.98 -8.59 -12.12
CBH 7X0 K . 24.46 -8.35 -11.79
CAG 7X0 K . 25.19 -8.32 -13.15
CBE 7X0 K . 24.64 -7.02 -10.95
CAQ 7X0 K . 24.25 -5.86 -11.66
CAV 7X0 K . 24.43 -4.57 -11.16
CAB 7X0 K . 24.02 -3.52 -11.99
CBF 7X0 K . 25.15 -4.29 -9.95
CAF 7X0 K . 26.27 -3.31 -10.41
CAZ 7X0 K . 24.30 -3.60 -8.97
OAM 7X0 K . 23.96 -2.41 -9.18
CBD 7X0 K . 23.77 -4.21 -7.62
CAE 7X0 K . 22.69 -3.24 -7.15
OAP 7X0 K . 24.79 -4.21 -6.57
CAX 7X0 K . 23.13 -5.65 -7.60
OAK 7X0 K . 22.46 -6.06 -8.58
OAT 7X0 K . 23.25 -6.37 -6.41
CAA 7X0 K . 24.48 -7.22 -6.23
CA CA L . 25.63 -36.53 -3.37
OAI 7X0 M . 11.00 -28.79 2.64
CAU 7X0 M . 11.69 -27.78 2.98
OAN 7X0 M . 11.72 -26.71 2.29
CBB 7X0 M . 12.35 -27.75 4.42
CBI 7X0 M . 13.83 -28.27 4.50
CAH 7X0 M . 14.01 -29.80 4.38
CBA 7X0 M . 14.71 -27.58 3.44
OAO 7X0 M . 14.62 -28.14 2.11
CAY 7X0 M . 16.00 -27.80 3.77
OAL 7X0 M . 16.68 -28.52 3.04
CBG 7X0 M . 16.45 -27.08 4.87
CBC 7X0 M . 17.98 -26.75 4.93
CAC 7X0 M . 18.23 -25.85 3.73
CAD 7X0 M . 19.00 -27.91 4.90
CAW 7X0 M . 18.15 -25.98 6.06
OAJ 7X0 M . 18.51 -24.80 5.94
CAR 7X0 M . 17.72 -26.48 7.29
CAS 7X0 M . 16.19 -26.68 7.24
CBH 7X0 M . 15.85 -27.68 6.15
CAG 7X0 M . 16.40 -29.06 6.61
CBE 7X0 M . 14.31 -27.67 5.88
CAQ 7X0 M . 13.53 -28.11 6.98
CAV 7X0 M . 12.15 -28.32 6.87
CAB 7X0 M . 11.52 -28.67 8.10
CBF 7X0 M . 11.42 -28.29 5.65
CAF 7X0 M . 10.84 -29.74 5.61
CAZ 7X0 M . 10.45 -27.26 5.73
OAM 7X0 M . 10.70 -26.24 6.41
CBD 7X0 M . 9.17 -27.17 4.87
CAE 7X0 M . 8.13 -27.76 5.77
OAP 7X0 M . 9.15 -27.97 3.62
CAX 7X0 M . 8.91 -25.67 4.52
OAK 7X0 M . 8.09 -24.92 5.12
OAT 7X0 M . 9.62 -25.17 3.46
CAA 7X0 M . 10.63 -24.18 3.89
CA CA N . 7.20 19.23 -41.53
OAI 7X0 O . -1.29 20.64 -29.61
CAU 7X0 O . -2.16 20.49 -28.74
OAN 7X0 O . -1.93 20.54 -27.50
CBB 7X0 O . -3.58 19.99 -29.19
CBI 7X0 O . -3.68 19.53 -30.69
CAH 7X0 O . -3.45 20.73 -31.66
CBA 7X0 O . -2.73 18.34 -30.98
OAO 7X0 O . -1.31 18.68 -30.90
CAY 7X0 O . -3.00 17.75 -32.24
OAL 7X0 O . -2.17 17.84 -33.16
CBG 7X0 O . -4.27 17.14 -32.36
CBC 7X0 O . -4.49 16.15 -33.57
CAC 7X0 O . -3.62 14.93 -33.31
CAD 7X0 O . -4.17 16.65 -35.01
CAW 7X0 O . -5.83 15.70 -33.53
OAJ 7X0 O . -6.08 14.49 -33.72
CAR 7X0 O . -6.89 16.58 -33.32
CAS 7X0 O . -6.69 17.38 -32.02
CBH 7X0 O . -5.40 18.18 -32.16
CAG 7X0 O . -5.63 19.14 -33.35
CBE 7X0 O . -5.08 18.90 -30.80
CAQ 7X0 O . -6.08 19.79 -30.41
CAV 7X0 O . -5.95 20.66 -29.32
CAB 7X0 O . -7.06 21.50 -29.14
CBF 7X0 O . -4.75 20.87 -28.60
CAF 7X0 O . -4.54 22.38 -28.74
CAZ 7X0 O . -4.88 20.68 -27.15
OAM 7X0 O . -5.48 21.52 -26.46
CBD 7X0 O . -4.35 19.52 -26.34
CAE 7X0 O . -4.08 20.14 -24.96
OAP 7X0 O . -3.09 18.90 -26.72
CAX 7X0 O . -5.38 18.41 -26.23
OAK 7X0 O . -6.03 18.23 -25.17
OAT 7X0 O . -5.34 17.54 -27.31
CAA 7X0 O . -5.10 16.28 -26.64
CA CA P . 6.23 -1.88 39.22
OAI 7X0 Q . 4.79 10.29 27.45
CAU 7X0 Q . 3.66 10.06 26.93
OAN 7X0 Q . 2.58 10.53 27.41
CBB 7X0 Q . 3.57 9.07 25.72
CBI 7X0 Q . 3.71 7.51 26.13
CAH 7X0 Q . 5.14 7.03 26.58
CBA 7X0 Q . 2.66 7.15 27.24
OAO 7X0 Q . 3.05 7.55 28.58
CAY 7X0 Q . 2.47 5.80 27.34
OAL 7X0 Q . 2.74 5.24 28.43
CBG 7X0 Q . 1.90 5.18 26.22
CBC 7X0 Q . 1.20 3.81 26.46
CAC 7X0 Q . 0.02 4.07 27.42
CAD 7X0 Q . 2.05 2.67 27.08
CAW 7X0 Q . 0.71 3.42 25.23
OAJ 7X0 Q . -0.53 3.34 25.05
CAR 7X0 Q . 1.61 3.31 24.15
CAS 7X0 Q . 2.10 4.75 23.79
CBH 7X0 Q . 2.87 5.25 25.00
CAG 7X0 Q . 4.10 4.33 25.07
CBE 7X0 Q . 3.20 6.80 24.86
CAQ 7X0 Q . 4.08 7.09 23.79
CAV 7X0 Q . 4.54 8.39 23.53
CAB 7X0 Q . 5.41 8.40 22.42
CBF 7X0 Q . 4.35 9.53 24.37
CAF 7X0 Q . 5.81 9.96 24.65
CAZ 7X0 Q . 3.64 10.65 23.64
OAM 7X0 Q . 3.74 10.81 22.41
CBD 7X0 Q . 2.76 11.81 24.24
CAE 7X0 Q . 2.21 12.62 23.06
OAP 7X0 Q . 3.51 12.73 25.09
CAX 7X0 Q . 1.49 11.43 25.01
OAK 7X0 Q . 0.85 10.39 24.77
OAT 7X0 Q . 1.17 12.36 25.98
CAA 7X0 Q . 0.01 12.17 26.85
CA CA R . -13.89 -7.67 43.87
OAI 7X0 S . -24.22 2.43 32.87
CAU 7X0 S . -23.29 3.31 32.90
OAN 7X0 S . -22.24 3.28 32.18
CBB 7X0 S . -23.35 4.45 33.97
CBI 7X0 S . -22.63 4.09 35.30
CAH 7X0 S . -23.40 3.06 36.20
CBA 7X0 S . -21.15 3.62 35.02
OAO 7X0 S . -21.03 2.32 34.41
CAY 7X0 S . -20.36 3.63 36.17
OAL 7X0 S . -19.83 2.58 36.61
CBG 7X0 S . -20.12 4.92 36.64
CBC 7X0 S . -18.89 5.12 37.57
CAC 7X0 S . -17.64 4.77 36.77
CAD 7X0 S . -18.86 4.27 38.87
CAW 7X0 S . -18.84 6.49 37.88
OAJ 7X0 S . -17.80 7.14 37.68
CAR 7X0 S . -19.99 7.15 38.33
CAS 7X0 S . -21.10 7.04 37.28
CBH 7X0 S . -21.43 5.59 37.10
CAG 7X0 S . -22.01 5.06 38.45
CBE 7X0 S . -22.46 5.49 35.92
CAQ 7X0 S . -23.71 6.07 36.21
CAV 7X0 S . -24.78 5.97 35.33
CAB 7X0 S . -25.96 6.58 35.76
CBF 7X0 S . -24.74 5.21 34.11
CAF 7X0 S . -25.98 4.26 34.22
CAZ 7X0 S . -25.00 6.08 32.95
OAM 7X0 S . -26.15 6.41 32.68
CBD 7X0 S . -23.96 6.80 32.04
CAE 7X0 S . -22.68 7.35 32.69
OAP 7X0 S . -24.70 7.95 31.72
CAX 7X0 S . -23.62 6.00 30.72
OAK 7X0 S . -24.17 4.93 30.41
OAT 7X0 S . -22.55 6.43 29.98
CAA 7X0 S . -21.72 5.23 29.86
#